data_4PO7
#
_entry.id   4PO7
#
_cell.length_a   162.010
_cell.length_b   78.650
_cell.length_c   110.980
_cell.angle_alpha   90.00
_cell.angle_beta   126.62
_cell.angle_gamma   90.00
#
_symmetry.space_group_name_H-M   'C 1 2 1'
#
loop_
_entity.id
_entity.type
_entity.pdbx_description
1 polymer Sortilin
2 polymer 'Neurotensin/neuromedin N'
3 branched beta-D-mannopyranose-(1-4)-2-acetamido-2-deoxy-beta-D-glucopyranose-(1-4)-2-acetamido-2-deoxy-beta-D-glucopyranose
4 non-polymer 2-acetamido-2-deoxy-beta-D-glucopyranose
5 non-polymer 'TETRAETHYLENE GLYCOL'
6 water water
#
loop_
_entity_poly.entity_id
_entity_poly.type
_entity_poly.pdbx_seq_one_letter_code
_entity_poly.pdbx_strand_id
1 'polypeptide(L)'
;SAPGEDEECGRVRDFVAKLANNTHQHVFDDLRGSVSLSWVGDSTGVILVLTTFHVPLVIMTFGQSKLYRSEDYGKNFKDI
TDLINNTFIRTEFGMAIGPENSGKVVLTAEVSGGSRGGRIFRSSDFAKNFVQTDLPFHPLTQMMYSPQNSDYLLALSTEN
GLWVSKNFGGKWEEIHKAVCLAKWGSDNTIFFTTYANGSCKADLGALELWRTSDLGKSFKTIGVKIYSFGLGGRFLFASV
MADKDTTRRIHVSTDQGDTWSMAQLPSVGQEQFYSILAANDDMVFMHVDEPGDTGFGTIFTSDDRGIVYSKSLDRHLYTT
TGGETDFTNVTSLRGVYITSVLSEDNSIQTMITFDQGGRWTHLRKPENSECDATAKNKNECSLHIHASYSISQKLNVPMA
PLSEPNAVGIVIAHGSVGDAISVMVPDVYISDDGGYSWTKMLEGPHYYTILDSGGIIVAIEHSSRPINVIKFSTDEGQCW
QTYTFTRDPIYFTGLASEPGARSMNISIWGFTESFLTSQWVSYTIDFKDILERNCEEKDYTIWLAHSTDPEDYEDGCILG
YKEQFLRLRKSSMCQNGRDYVVTKQPSICLCSLEDFLCDFGYYRPENDSKCVEQPELKGHDLEFCLYGREEHLTTNGYRK
IPGDKCQGGVNPVREVKDLKKKCTSNFLSPEKQNSKSNSHHHHHH
;
A
2 'polypeptide(L)' (PCA)LYENKPRRPYIL N,P
#
loop_
_chem_comp.id
_chem_comp.type
_chem_comp.name
_chem_comp.formula
BMA D-saccharide, beta linking beta-D-mannopyranose 'C6 H12 O6'
NAG D-saccharide, beta linking 2-acetamido-2-deoxy-beta-D-glucopyranose 'C8 H15 N O6'
PG4 non-polymer 'TETRAETHYLENE GLYCOL' 'C8 H18 O5'
#
# COMPACT_ATOMS: atom_id res chain seq x y z
N CYS A 9 -34.39 -10.83 -2.72
CA CYS A 9 -33.15 -10.07 -2.68
C CYS A 9 -32.80 -9.67 -1.24
N GLY A 10 -32.41 -10.67 -0.45
CA GLY A 10 -32.16 -10.47 0.97
C GLY A 10 -32.79 -11.60 1.76
N ARG A 11 -32.10 -12.74 1.79
CA ARG A 11 -32.67 -13.97 2.34
C ARG A 11 -32.30 -14.20 3.81
N VAL A 12 -31.88 -13.15 4.51
CA VAL A 12 -31.51 -13.28 5.91
C VAL A 12 -32.72 -13.09 6.81
N ARG A 13 -33.32 -14.20 7.22
CA ARG A 13 -34.50 -14.15 8.08
C ARG A 13 -34.18 -13.61 9.46
N ASP A 14 -35.00 -12.65 9.91
CA ASP A 14 -34.93 -12.13 11.28
C ASP A 14 -33.51 -11.69 11.66
N PHE A 15 -32.89 -10.90 10.79
CA PHE A 15 -31.51 -10.48 11.00
C PHE A 15 -31.39 -9.53 12.19
N VAL A 16 -32.47 -8.84 12.52
CA VAL A 16 -32.45 -7.88 13.61
C VAL A 16 -32.13 -8.56 14.94
N ALA A 17 -32.77 -9.70 15.19
CA ALA A 17 -32.55 -10.46 16.42
C ALA A 17 -31.16 -11.09 16.43
N LYS A 18 -30.67 -11.43 15.24
CA LYS A 18 -29.35 -12.03 15.11
C LYS A 18 -28.25 -10.98 15.28
N LEU A 19 -28.62 -9.70 15.28
CA LEU A 19 -27.64 -8.62 15.39
C LEU A 19 -27.78 -7.82 16.68
N ALA A 20 -29.02 -7.63 17.14
CA ALA A 20 -29.29 -6.82 18.32
C ALA A 20 -28.48 -7.25 19.54
N ASN A 21 -28.38 -8.57 19.74
CA ASN A 21 -27.68 -9.11 20.91
C ASN A 21 -26.19 -9.25 20.64
N ASN A 22 -25.77 -8.91 19.43
CA ASN A 22 -24.36 -8.93 19.07
C ASN A 22 -23.80 -7.54 18.82
N THR A 23 -24.60 -6.52 19.11
CA THR A 23 -24.16 -5.13 19.02
C THR A 23 -23.60 -4.68 20.37
N HIS A 24 -22.32 -4.32 20.38
CA HIS A 24 -21.66 -3.92 21.62
C HIS A 24 -21.16 -2.48 21.56
N GLN A 25 -21.76 -1.63 22.38
CA GLN A 25 -21.41 -0.23 22.45
C GLN A 25 -20.33 0.04 23.50
N HIS A 26 -19.39 0.93 23.18
CA HIS A 26 -18.49 1.43 24.20
C HIS A 26 -18.28 2.94 24.08
N VAL A 27 -18.87 3.67 25.01
CA VAL A 27 -18.68 5.11 25.12
C VAL A 27 -17.34 5.41 25.77
N PHE A 28 -16.56 6.30 25.16
CA PHE A 28 -15.27 6.66 25.70
C PHE A 28 -15.36 7.93 26.54
N ASP A 29 -15.68 7.77 27.81
CA ASP A 29 -15.76 8.90 28.73
C ASP A 29 -14.39 9.56 28.88
N ASP A 30 -14.39 10.89 29.04
CA ASP A 30 -13.18 11.69 29.16
C ASP A 30 -12.25 11.54 27.95
N LEU A 31 -12.81 11.72 26.76
CA LEU A 31 -12.02 11.82 25.54
C LEU A 31 -12.38 13.12 24.81
N ARG A 32 -11.37 13.92 24.49
CA ARG A 32 -11.60 15.22 23.88
C ARG A 32 -10.66 15.53 22.73
N GLY A 33 -9.68 14.64 22.48
CA GLY A 33 -8.66 14.91 21.50
C GLY A 33 -8.60 13.93 20.35
N SER A 34 -7.44 13.91 19.68
CA SER A 34 -7.21 13.01 18.55
C SER A 34 -7.21 11.55 18.98
N VAL A 35 -7.49 10.65 18.04
CA VAL A 35 -7.58 9.23 18.33
C VAL A 35 -6.76 8.39 17.35
N SER A 36 -5.98 7.46 17.87
CA SER A 36 -5.26 6.50 17.04
C SER A 36 -5.59 5.06 17.43
N LEU A 37 -5.95 4.24 16.44
CA LEU A 37 -6.16 2.81 16.64
C LEU A 37 -5.00 1.98 16.11
N SER A 38 -4.65 0.94 16.83
CA SER A 38 -3.68 -0.05 16.36
C SER A 38 -4.12 -1.45 16.74
N TRP A 39 -4.09 -2.36 15.78
CA TRP A 39 -4.30 -3.76 16.08
C TRP A 39 -2.98 -4.40 16.50
N VAL A 40 -3.01 -5.20 17.55
CA VAL A 40 -1.80 -5.86 18.01
C VAL A 40 -1.89 -7.37 17.81
N GLY A 41 -1.40 -7.83 16.65
CA GLY A 41 -1.35 -9.25 16.34
C GLY A 41 -2.58 -9.74 15.61
N ASP A 42 -2.47 -10.93 15.03
CA ASP A 42 -3.59 -11.56 14.33
C ASP A 42 -4.26 -12.58 15.25
N SER A 43 -5.58 -12.70 15.13
CA SER A 43 -6.38 -13.63 15.92
C SER A 43 -6.26 -13.39 17.44
N THR A 44 -5.85 -12.19 17.83
CA THR A 44 -5.75 -11.84 19.24
C THR A 44 -6.94 -10.98 19.67
N GLY A 45 -7.47 -10.20 18.73
CA GLY A 45 -8.59 -9.31 19.01
C GLY A 45 -8.18 -8.09 19.82
N VAL A 46 -6.88 -7.85 19.89
CA VAL A 46 -6.36 -6.75 20.70
C VAL A 46 -6.31 -5.44 19.91
N ILE A 47 -6.97 -4.42 20.46
CA ILE A 47 -6.95 -3.08 19.88
C ILE A 47 -6.48 -2.05 20.90
N LEU A 48 -5.53 -1.21 20.51
CA LEU A 48 -5.10 -0.10 21.35
C LEU A 48 -5.63 1.21 20.78
N VAL A 49 -6.23 2.02 21.65
CA VAL A 49 -6.68 3.35 21.29
C VAL A 49 -5.88 4.40 22.07
N LEU A 50 -5.18 5.26 21.35
CA LEU A 50 -4.39 6.32 21.99
C LEU A 50 -4.94 7.71 21.72
N THR A 51 -4.96 8.56 22.76
CA THR A 51 -5.34 9.95 22.60
C THR A 51 -4.31 10.89 23.22
N THR A 52 -4.14 12.05 22.60
CA THR A 52 -3.26 13.09 23.11
C THR A 52 -3.92 14.45 22.95
N PHE A 53 -3.98 15.21 24.05
CA PHE A 53 -4.70 16.47 24.05
C PHE A 53 -3.91 17.56 24.78
N HIS A 54 -3.48 18.58 24.04
CA HIS A 54 -2.73 19.69 24.62
C HIS A 54 -3.62 20.90 24.82
N VAL A 55 -3.56 21.48 26.01
CA VAL A 55 -4.39 22.62 26.36
C VAL A 55 -3.53 23.76 26.88
N PRO A 56 -3.82 25.00 26.46
CA PRO A 56 -3.14 26.19 27.01
C PRO A 56 -3.16 26.23 28.53
N LEU A 57 -2.07 26.71 29.14
CA LEU A 57 -1.96 26.71 30.59
C LEU A 57 -2.86 27.75 31.25
N VAL A 58 -3.32 28.73 30.48
CA VAL A 58 -4.24 29.75 31.01
C VAL A 58 -5.68 29.24 30.97
N ILE A 59 -5.85 27.97 30.65
CA ILE A 59 -7.15 27.33 30.68
C ILE A 59 -7.21 26.33 31.84
N MET A 60 -8.22 26.48 32.69
CA MET A 60 -8.38 25.65 33.88
C MET A 60 -8.40 24.15 33.55
N THR A 61 -8.81 23.83 32.33
CA THR A 61 -8.78 22.46 31.83
C THR A 61 -7.34 22.00 31.63
N PHE A 62 -7.00 20.83 32.18
CA PHE A 62 -5.67 20.27 32.02
C PHE A 62 -5.55 19.48 30.73
N GLY A 63 -4.32 19.08 30.41
CA GLY A 63 -4.06 18.24 29.24
C GLY A 63 -4.57 16.83 29.48
N GLN A 64 -4.26 15.92 28.56
CA GLN A 64 -4.77 14.56 28.64
C GLN A 64 -4.08 13.61 27.68
N SER A 65 -3.68 12.45 28.19
CA SER A 65 -3.13 11.40 27.35
C SER A 65 -3.62 10.04 27.85
N LYS A 66 -4.72 9.56 27.27
CA LYS A 66 -5.35 8.31 27.69
C LYS A 66 -4.92 7.14 26.80
N LEU A 67 -5.06 5.93 27.33
CA LEU A 67 -4.71 4.73 26.56
C LEU A 67 -5.68 3.59 26.89
N TYR A 68 -6.44 3.17 25.89
CA TYR A 68 -7.45 2.12 26.08
C TYR A 68 -7.04 0.82 25.40
N ARG A 69 -7.43 -0.30 25.99
CA ARG A 69 -7.14 -1.61 25.40
C ARG A 69 -8.38 -2.50 25.32
N SER A 70 -8.49 -3.23 24.22
CA SER A 70 -9.53 -4.22 24.03
C SER A 70 -8.87 -5.54 23.70
N GLU A 71 -9.55 -6.64 23.97
CA GLU A 71 -9.07 -7.96 23.58
C GLU A 71 -10.21 -8.79 23.00
N ASP A 72 -11.33 -8.13 22.71
CA ASP A 72 -12.47 -8.80 22.10
C ASP A 72 -12.91 -8.11 20.79
N TYR A 73 -11.93 -7.72 19.97
CA TYR A 73 -12.18 -7.06 18.68
C TYR A 73 -12.99 -5.77 18.82
N GLY A 74 -12.79 -5.05 19.93
CA GLY A 74 -13.37 -3.72 20.10
C GLY A 74 -14.73 -3.67 20.77
N LYS A 75 -15.22 -4.81 21.23
CA LYS A 75 -16.53 -4.86 21.90
C LYS A 75 -16.50 -4.15 23.24
N ASN A 76 -15.41 -4.33 23.98
CA ASN A 76 -15.22 -3.67 25.26
C ASN A 76 -13.79 -3.12 25.39
N PHE A 77 -13.64 -1.98 26.05
CA PHE A 77 -12.31 -1.40 26.25
C PHE A 77 -12.00 -1.21 27.73
N LYS A 78 -10.71 -1.12 28.05
CA LYS A 78 -10.25 -0.88 29.41
C LYS A 78 -9.25 0.26 29.42
N ASP A 79 -9.48 1.25 30.29
CA ASP A 79 -8.57 2.38 30.43
C ASP A 79 -7.31 1.94 31.17
N ILE A 80 -6.23 1.71 30.43
CA ILE A 80 -4.99 1.23 31.02
C ILE A 80 -3.92 2.32 31.07
N THR A 81 -4.36 3.58 31.14
CA THR A 81 -3.45 4.72 31.18
C THR A 81 -2.50 4.63 32.37
N ASP A 82 -2.95 3.97 33.42
CA ASP A 82 -2.13 3.74 34.62
C ASP A 82 -0.84 3.00 34.30
N LEU A 83 -0.88 2.19 33.25
CA LEU A 83 0.28 1.38 32.84
C LEU A 83 1.41 2.24 32.26
N ILE A 84 1.07 3.40 31.72
CA ILE A 84 2.08 4.32 31.23
C ILE A 84 2.22 5.49 32.19
N ASN A 85 1.78 5.27 33.43
CA ASN A 85 1.87 6.26 34.51
C ASN A 85 1.29 7.61 34.13
N ASN A 86 0.23 7.60 33.34
CA ASN A 86 -0.43 8.82 32.87
C ASN A 86 0.54 9.84 32.28
N THR A 87 1.42 9.41 31.39
CA THR A 87 2.41 10.29 30.80
C THR A 87 1.92 10.80 29.44
N PHE A 88 2.26 12.04 29.11
CA PHE A 88 2.00 12.56 27.77
C PHE A 88 2.75 11.73 26.74
N ILE A 89 2.04 11.29 25.71
CA ILE A 89 2.63 10.50 24.64
C ILE A 89 2.75 11.31 23.35
N ARG A 90 3.93 11.28 22.74
CA ARG A 90 4.15 11.98 21.47
C ARG A 90 3.22 11.45 20.40
N THR A 91 2.37 12.33 19.87
CA THR A 91 1.42 11.97 18.82
C THR A 91 2.13 11.50 17.57
N GLU A 92 3.22 12.19 17.24
CA GLU A 92 3.94 11.95 15.99
C GLU A 92 4.56 10.57 15.89
N PHE A 93 4.93 10.00 17.05
CA PHE A 93 5.54 8.68 17.05
C PHE A 93 4.47 7.60 17.19
N GLY A 94 3.29 8.00 17.66
CA GLY A 94 2.17 7.09 17.80
C GLY A 94 2.49 5.81 18.53
N MET A 95 1.99 4.71 17.99
CA MET A 95 2.19 3.38 18.58
C MET A 95 3.00 2.50 17.64
N ALA A 96 4.20 2.14 18.06
CA ALA A 96 5.09 1.32 17.24
C ALA A 96 4.83 -0.17 17.49
N ILE A 97 4.00 -0.77 16.64
CA ILE A 97 3.62 -2.17 16.82
C ILE A 97 4.62 -3.13 16.18
N GLY A 98 5.01 -4.15 16.94
CA GLY A 98 5.93 -5.15 16.44
C GLY A 98 5.36 -5.98 15.31
N PRO A 99 6.22 -6.71 14.61
CA PRO A 99 5.79 -7.53 13.47
C PRO A 99 5.00 -8.76 13.91
N GLU A 100 3.96 -9.08 13.13
CA GLU A 100 3.20 -10.32 13.32
C GLU A 100 2.63 -10.46 14.73
N ASN A 101 2.81 -11.63 15.33
CA ASN A 101 2.30 -11.87 16.67
C ASN A 101 3.37 -11.79 17.74
N SER A 102 4.32 -10.88 17.57
CA SER A 102 5.36 -10.66 18.55
C SER A 102 4.77 -9.96 19.78
N GLY A 103 3.64 -9.29 19.58
CA GLY A 103 2.96 -8.60 20.65
C GLY A 103 3.74 -7.41 21.17
N LYS A 104 4.66 -6.92 20.35
CA LYS A 104 5.50 -5.80 20.75
C LYS A 104 4.81 -4.46 20.50
N VAL A 105 4.79 -3.62 21.52
CA VAL A 105 4.19 -2.29 21.45
C VAL A 105 5.12 -1.28 22.11
N VAL A 106 5.45 -0.21 21.39
CA VAL A 106 6.31 0.84 21.95
C VAL A 106 5.70 2.22 21.78
N LEU A 107 5.49 2.91 22.89
CA LEU A 107 4.99 4.27 22.87
C LEU A 107 6.09 5.23 23.31
N THR A 108 6.19 6.36 22.63
CA THR A 108 7.19 7.35 22.95
C THR A 108 6.60 8.45 23.83
N ALA A 109 7.33 8.84 24.86
CA ALA A 109 6.84 9.83 25.80
C ALA A 109 7.35 11.23 25.45
N GLU A 110 6.55 12.24 25.79
CA GLU A 110 7.04 13.60 25.79
C GLU A 110 7.87 13.81 27.05
N VAL A 111 9.11 14.24 26.89
CA VAL A 111 9.97 14.49 28.04
C VAL A 111 10.14 15.99 28.20
N SER A 112 10.41 16.44 29.41
CA SER A 112 10.54 17.87 29.67
C SER A 112 11.76 18.44 28.96
N GLY A 113 11.69 19.73 28.64
CA GLY A 113 12.78 20.39 27.95
C GLY A 113 14.05 20.45 28.77
N GLY A 114 15.12 19.88 28.24
CA GLY A 114 16.41 19.89 28.92
C GLY A 114 16.87 18.51 29.36
N SER A 115 16.03 17.51 29.13
CA SER A 115 16.35 16.14 29.48
C SER A 115 17.57 15.63 28.71
N ARG A 116 18.29 14.70 29.31
CA ARG A 116 19.45 14.08 28.66
C ARG A 116 19.02 13.35 27.40
N GLY A 117 17.91 12.61 27.50
CA GLY A 117 17.36 11.89 26.37
C GLY A 117 15.86 11.71 26.54
N GLY A 118 15.25 11.00 25.59
CA GLY A 118 13.82 10.74 25.66
C GLY A 118 13.55 9.47 26.45
N ARG A 119 12.30 9.05 26.47
CA ARG A 119 11.96 7.78 27.12
C ARG A 119 10.78 7.11 26.44
N ILE A 120 10.75 5.79 26.53
CA ILE A 120 9.70 4.99 25.90
C ILE A 120 9.04 4.05 26.91
N PHE A 121 7.80 3.67 26.61
CA PHE A 121 7.12 2.63 27.36
C PHE A 121 6.99 1.41 26.46
N ARG A 122 7.59 0.30 26.88
CA ARG A 122 7.64 -0.90 26.05
C ARG A 122 6.77 -2.01 26.59
N SER A 123 6.16 -2.76 25.67
CA SER A 123 5.39 -3.94 26.04
C SER A 123 5.71 -5.06 25.06
N SER A 124 6.02 -6.24 25.60
CA SER A 124 6.28 -7.40 24.76
C SER A 124 5.18 -8.44 24.92
N ASP A 125 4.11 -8.06 25.63
CA ASP A 125 3.02 -8.98 25.91
C ASP A 125 1.66 -8.38 25.57
N PHE A 126 1.53 -7.86 24.35
CA PHE A 126 0.26 -7.36 23.82
C PHE A 126 -0.36 -6.30 24.70
N ALA A 127 0.48 -5.43 25.25
CA ALA A 127 0.05 -4.29 26.07
C ALA A 127 -0.66 -4.73 27.35
N LYS A 128 -0.18 -5.80 27.98
CA LYS A 128 -0.66 -6.18 29.31
C LYS A 128 0.24 -5.59 30.38
N ASN A 129 1.53 -5.50 30.07
CA ASN A 129 2.51 -4.91 30.98
C ASN A 129 3.45 -3.98 30.23
N PHE A 130 3.68 -2.79 30.79
CA PHE A 130 4.58 -1.82 30.19
C PHE A 130 5.78 -1.55 31.10
N VAL A 131 6.91 -1.18 30.50
CA VAL A 131 8.11 -0.84 31.23
C VAL A 131 8.70 0.49 30.73
N GLN A 132 9.25 1.28 31.65
CA GLN A 132 9.90 2.53 31.28
C GLN A 132 11.34 2.30 30.83
N THR A 133 11.81 3.16 29.93
CA THR A 133 13.22 3.14 29.55
C THR A 133 13.69 4.53 29.14
N ASP A 134 14.59 5.10 29.94
CA ASP A 134 15.20 6.38 29.60
C ASP A 134 16.26 6.20 28.52
N LEU A 135 16.08 6.91 27.40
CA LEU A 135 16.96 6.75 26.24
C LEU A 135 18.18 7.68 26.31
N PRO A 136 19.31 7.25 25.73
CA PRO A 136 20.52 8.07 25.65
C PRO A 136 20.45 9.11 24.54
N PHE A 137 19.26 9.31 23.98
CA PHE A 137 19.05 10.24 22.88
C PHE A 137 17.58 10.64 22.78
N HIS A 138 17.30 11.68 22.00
CA HIS A 138 15.93 12.04 21.69
C HIS A 138 15.55 11.54 20.30
N PRO A 139 14.53 10.68 20.22
CA PRO A 139 14.09 10.10 18.95
C PRO A 139 13.65 11.16 17.94
N LEU A 140 14.07 10.98 16.68
CA LEU A 140 13.62 11.83 15.60
C LEU A 140 12.59 11.08 14.76
N THR A 141 12.75 9.76 14.70
CA THR A 141 11.87 8.91 13.91
C THR A 141 11.13 7.91 14.78
N GLN A 142 10.06 7.33 14.26
CA GLN A 142 9.42 6.20 14.91
C GLN A 142 10.38 5.02 14.88
N MET A 143 10.48 4.31 16.00
CA MET A 143 11.38 3.16 16.09
C MET A 143 10.92 2.05 15.16
N MET A 144 11.90 1.45 14.47
CA MET A 144 11.61 0.46 13.44
C MET A 144 12.06 -0.94 13.85
N TYR A 145 11.14 -1.89 13.75
CA TYR A 145 11.43 -3.28 14.06
C TYR A 145 12.14 -3.97 12.90
N SER A 146 13.08 -4.84 13.22
CA SER A 146 13.66 -5.70 12.19
C SER A 146 12.65 -6.77 11.84
N PRO A 147 12.31 -6.89 10.54
CA PRO A 147 11.35 -7.89 10.08
C PRO A 147 11.71 -9.31 10.51
N GLN A 148 12.99 -9.59 10.65
CA GLN A 148 13.46 -10.93 11.01
C GLN A 148 13.54 -11.12 12.53
N ASN A 149 13.57 -10.02 13.28
CA ASN A 149 13.75 -10.09 14.73
C ASN A 149 13.12 -8.89 15.45
N SER A 150 11.92 -9.11 16.00
CA SER A 150 11.17 -8.04 16.65
C SER A 150 11.89 -7.44 17.86
N ASP A 151 12.91 -8.13 18.37
CA ASP A 151 13.71 -7.60 19.47
C ASP A 151 14.71 -6.56 18.98
N TYR A 152 14.89 -6.46 17.66
CA TYR A 152 15.83 -5.51 17.09
C TYR A 152 15.13 -4.22 16.66
N LEU A 153 15.62 -3.10 17.16
CA LEU A 153 15.06 -1.78 16.84
C LEU A 153 16.14 -0.84 16.34
N LEU A 154 15.77 0.09 15.48
CA LEU A 154 16.65 1.22 15.17
C LEU A 154 15.88 2.54 15.16
N ALA A 155 16.59 3.63 15.41
CA ALA A 155 16.00 4.96 15.38
C ALA A 155 17.05 6.03 15.09
N LEU A 156 16.61 7.14 14.51
CA LEU A 156 17.47 8.30 14.33
C LEU A 156 17.26 9.29 15.47
N SER A 157 18.35 9.87 15.97
CA SER A 157 18.24 10.88 17.01
C SER A 157 18.00 12.26 16.41
N THR A 158 17.77 13.23 17.28
CA THR A 158 17.60 14.61 16.84
C THR A 158 18.94 15.22 16.44
N GLU A 159 20.01 14.48 16.72
CA GLU A 159 21.35 14.86 16.33
C GLU A 159 21.79 14.05 15.12
N ASN A 160 20.81 13.40 14.49
CA ASN A 160 21.03 12.57 13.31
C ASN A 160 22.01 11.44 13.58
N GLY A 161 21.87 10.81 14.73
CA GLY A 161 22.64 9.62 15.04
C GLY A 161 21.78 8.39 14.82
N LEU A 162 22.40 7.29 14.40
CA LEU A 162 21.68 6.05 14.24
C LEU A 162 21.90 5.15 15.45
N TRP A 163 20.81 4.77 16.09
CA TRP A 163 20.87 3.97 17.32
C TRP A 163 20.21 2.62 17.11
N VAL A 164 20.84 1.56 17.61
CA VAL A 164 20.32 0.21 17.46
C VAL A 164 20.17 -0.48 18.80
N SER A 165 19.04 -1.15 18.99
CA SER A 165 18.82 -1.96 20.19
C SER A 165 18.66 -3.43 19.82
N LYS A 166 19.35 -4.29 20.56
CA LYS A 166 19.26 -5.73 20.33
C LYS A 166 18.29 -6.37 21.33
N ASN A 167 17.92 -5.61 22.37
CA ASN A 167 17.06 -6.14 23.42
C ASN A 167 15.73 -5.39 23.56
N PHE A 168 15.11 -5.05 22.43
CA PHE A 168 13.80 -4.42 22.40
C PHE A 168 13.77 -3.12 23.21
N GLY A 169 14.61 -2.17 22.81
CA GLY A 169 14.61 -0.84 23.39
C GLY A 169 15.24 -0.70 24.76
N GLY A 170 15.72 -1.78 25.33
CA GLY A 170 16.33 -1.76 26.65
C GLY A 170 17.62 -0.96 26.69
N LYS A 171 18.60 -1.43 25.93
CA LYS A 171 19.88 -0.75 25.81
C LYS A 171 20.06 -0.30 24.36
N TRP A 172 20.73 0.83 24.17
CA TRP A 172 20.94 1.36 22.83
C TRP A 172 22.39 1.72 22.60
N GLU A 173 22.87 1.46 21.39
CA GLU A 173 24.23 1.85 21.00
C GLU A 173 24.19 2.66 19.71
N GLU A 174 24.90 3.79 19.71
CA GLU A 174 24.99 4.63 18.52
C GLU A 174 26.03 4.05 17.58
N ILE A 175 25.65 3.81 16.33
CA ILE A 175 26.56 3.15 15.40
C ILE A 175 27.00 4.06 14.25
N HIS A 176 26.37 5.22 14.12
CA HIS A 176 26.83 6.24 13.17
C HIS A 176 26.30 7.61 13.55
N LYS A 177 27.10 8.65 13.29
CA LYS A 177 26.80 9.98 13.83
C LYS A 177 26.15 10.97 12.87
N ALA A 178 26.20 10.69 11.57
CA ALA A 178 25.62 11.62 10.61
C ALA A 178 24.74 10.91 9.59
N VAL A 179 23.57 10.45 10.04
CA VAL A 179 22.69 9.65 9.19
C VAL A 179 21.45 10.43 8.76
N CYS A 180 21.02 10.20 7.52
CA CYS A 180 19.86 10.87 6.94
C CYS A 180 18.64 9.96 6.85
N LEU A 181 18.88 8.69 6.53
CA LEU A 181 17.81 7.73 6.34
C LEU A 181 18.35 6.35 6.64
N ALA A 182 17.54 5.52 7.32
CA ALA A 182 17.95 4.17 7.67
C ALA A 182 16.80 3.19 7.56
N LYS A 183 17.07 2.02 6.98
CA LYS A 183 16.02 1.01 6.76
C LYS A 183 16.51 -0.39 7.13
N TRP A 184 15.59 -1.25 7.59
CA TRP A 184 15.90 -2.66 7.79
C TRP A 184 15.76 -3.42 6.48
N GLY A 185 16.67 -4.36 6.24
CA GLY A 185 16.57 -5.24 5.10
C GLY A 185 16.27 -6.65 5.57
N SER A 186 16.67 -7.62 4.77
CA SER A 186 16.56 -9.01 5.18
C SER A 186 17.68 -9.34 6.16
N ASP A 187 17.47 -10.37 6.97
CA ASP A 187 18.47 -10.86 7.91
C ASP A 187 19.13 -9.76 8.73
N ASN A 188 18.31 -8.84 9.24
CA ASN A 188 18.78 -7.79 10.15
C ASN A 188 19.89 -6.92 9.55
N THR A 189 19.82 -6.74 8.24
CA THR A 189 20.73 -5.85 7.54
C THR A 189 20.19 -4.42 7.58
N ILE A 190 21.05 -3.47 7.96
CA ILE A 190 20.65 -2.07 7.98
C ILE A 190 21.28 -1.31 6.81
N PHE A 191 20.44 -0.63 6.02
CA PHE A 191 20.92 0.27 4.99
C PHE A 191 20.72 1.71 5.43
N PHE A 192 21.76 2.53 5.37
CA PHE A 192 21.60 3.93 5.73
C PHE A 192 22.50 4.88 4.94
N THR A 193 21.98 6.07 4.67
CA THR A 193 22.75 7.12 4.01
C THR A 193 23.40 8.03 5.04
N THR A 194 24.51 8.65 4.66
CA THR A 194 25.24 9.54 5.57
C THR A 194 25.73 10.81 4.87
N TYR A 195 25.91 11.86 5.65
CA TYR A 195 26.44 13.11 5.11
C TYR A 195 27.77 13.44 5.77
N ALA A 196 28.58 14.23 5.08
CA ALA A 196 29.92 14.56 5.57
C ALA A 196 29.96 15.94 6.20
N ASN A 197 29.53 16.95 5.46
CA ASN A 197 29.54 18.32 5.94
C ASN A 197 28.16 18.95 5.97
N GLY A 198 27.89 19.72 7.02
CA GLY A 198 26.62 20.43 7.13
C GLY A 198 25.47 19.55 7.56
N SER A 199 24.60 19.21 6.61
CA SER A 199 23.39 18.46 6.91
C SER A 199 22.91 17.65 5.71
N CYS A 200 21.81 16.94 5.90
CA CYS A 200 21.21 16.16 4.83
C CYS A 200 20.75 17.08 3.70
N LYS A 201 20.37 18.30 4.05
CA LYS A 201 19.90 19.28 3.08
C LYS A 201 21.05 19.72 2.17
N ALA A 202 22.15 20.14 2.78
CA ALA A 202 23.31 20.64 2.05
C ALA A 202 23.95 19.57 1.16
N ASP A 203 23.98 18.33 1.64
CA ASP A 203 24.60 17.25 0.89
C ASP A 203 23.58 16.52 0.02
N LEU A 204 22.65 17.28 -0.57
CA LEU A 204 21.65 16.70 -1.45
C LEU A 204 22.29 16.14 -2.71
N GLY A 205 22.39 14.82 -2.77
CA GLY A 205 23.01 14.17 -3.90
C GLY A 205 24.50 13.93 -3.70
N ALA A 206 24.97 14.23 -2.48
CA ALA A 206 26.37 14.04 -2.14
C ALA A 206 26.46 13.13 -0.92
N LEU A 207 25.45 12.29 -0.73
CA LEU A 207 25.40 11.38 0.40
C LEU A 207 26.18 10.11 0.12
N GLU A 208 26.48 9.37 1.17
CA GLU A 208 27.15 8.09 1.04
C GLU A 208 26.22 7.01 1.56
N LEU A 209 26.00 5.97 0.77
CA LEU A 209 25.12 4.88 1.19
C LEU A 209 25.93 3.77 1.83
N TRP A 210 25.65 3.51 3.11
CA TRP A 210 26.37 2.51 3.87
C TRP A 210 25.50 1.29 4.15
N ARG A 211 26.14 0.21 4.57
CA ARG A 211 25.43 -1.01 4.95
C ARG A 211 26.14 -1.70 6.12
N THR A 212 25.38 -2.19 7.08
CA THR A 212 25.95 -3.05 8.13
C THR A 212 25.13 -4.34 8.25
N SER A 213 25.83 -5.45 8.45
CA SER A 213 25.20 -6.76 8.53
C SER A 213 25.26 -7.30 9.95
N ASP A 214 26.23 -6.82 10.71
CA ASP A 214 26.45 -7.28 12.07
C ASP A 214 26.03 -6.23 13.10
N LEU A 215 24.97 -5.51 12.78
CA LEU A 215 24.33 -4.58 13.70
C LEU A 215 25.25 -3.48 14.23
N GLY A 216 26.11 -2.96 13.36
CA GLY A 216 26.92 -1.80 13.70
C GLY A 216 28.37 -2.11 14.02
N LYS A 217 28.71 -3.39 14.08
CA LYS A 217 30.08 -3.78 14.39
C LYS A 217 31.02 -3.45 13.24
N SER A 218 30.52 -3.57 12.01
CA SER A 218 31.31 -3.27 10.82
C SER A 218 30.43 -2.66 9.74
N PHE A 219 31.05 -2.00 8.77
CA PHE A 219 30.31 -1.32 7.72
C PHE A 219 30.95 -1.51 6.34
N LYS A 220 30.19 -1.14 5.32
CA LYS A 220 30.69 -1.15 3.95
C LYS A 220 30.00 -0.05 3.14
N THR A 221 30.79 0.83 2.54
CA THR A 221 30.24 1.81 1.63
C THR A 221 29.77 1.09 0.36
N ILE A 222 28.53 1.33 -0.04
CA ILE A 222 27.97 0.63 -1.18
C ILE A 222 27.40 1.63 -2.19
N GLY A 223 27.85 2.88 -2.12
CA GLY A 223 27.38 3.90 -3.02
C GLY A 223 27.73 5.29 -2.56
N VAL A 224 28.27 6.10 -3.48
CA VAL A 224 28.57 7.49 -3.19
C VAL A 224 27.80 8.42 -4.15
N LYS A 225 27.91 9.73 -3.89
CA LYS A 225 27.10 10.74 -4.59
C LYS A 225 25.62 10.34 -4.58
N ILE A 226 25.14 9.92 -3.41
CA ILE A 226 23.79 9.40 -3.29
C ILE A 226 22.77 10.52 -3.10
N TYR A 227 21.67 10.44 -3.85
CA TYR A 227 20.52 11.30 -3.65
C TYR A 227 19.61 10.66 -2.61
N SER A 228 19.07 9.50 -2.95
CA SER A 228 18.27 8.73 -2.01
C SER A 228 18.28 7.26 -2.41
N PHE A 229 17.65 6.41 -1.61
CA PHE A 229 17.56 5.00 -1.92
C PHE A 229 16.24 4.41 -1.46
N GLY A 230 15.95 3.21 -1.92
CA GLY A 230 14.71 2.54 -1.57
C GLY A 230 14.80 1.04 -1.71
N LEU A 231 13.87 0.34 -1.06
CA LEU A 231 13.79 -1.11 -1.15
C LEU A 231 12.44 -1.54 -1.72
N GLY A 232 12.47 -2.53 -2.60
CA GLY A 232 11.27 -3.04 -3.21
C GLY A 232 11.53 -4.44 -3.74
N GLY A 233 10.79 -5.42 -3.23
CA GLY A 233 11.05 -6.80 -3.56
C GLY A 233 12.48 -7.18 -3.21
N ARG A 234 13.17 -7.82 -4.14
CA ARG A 234 14.58 -8.16 -3.94
C ARG A 234 15.49 -7.05 -4.44
N PHE A 235 14.89 -5.89 -4.74
CA PHE A 235 15.64 -4.81 -5.35
C PHE A 235 16.03 -3.71 -4.36
N LEU A 236 17.29 -3.31 -4.42
CA LEU A 236 17.76 -2.12 -3.72
C LEU A 236 18.04 -1.04 -4.76
N PHE A 237 17.23 0.01 -4.73
CA PHE A 237 17.38 1.12 -5.68
C PHE A 237 18.11 2.29 -5.03
N ALA A 238 19.00 2.93 -5.80
CA ALA A 238 19.62 4.17 -5.36
C ALA A 238 19.65 5.18 -6.51
N SER A 239 19.29 6.43 -6.23
CA SER A 239 19.39 7.48 -7.23
C SER A 239 20.73 8.20 -7.07
N VAL A 240 21.55 8.16 -8.11
CA VAL A 240 22.90 8.71 -8.07
C VAL A 240 23.02 9.96 -8.94
N MET A 241 23.70 10.98 -8.41
CA MET A 241 23.85 12.24 -9.13
C MET A 241 25.01 12.20 -10.12
N ALA A 242 24.89 12.97 -11.20
CA ALA A 242 25.93 13.07 -12.21
C ALA A 242 27.11 13.89 -11.70
N ASP A 243 28.14 14.00 -12.54
CA ASP A 243 29.30 14.82 -12.20
C ASP A 243 29.30 16.10 -13.01
N LYS A 244 29.53 17.22 -12.32
CA LYS A 244 29.45 18.55 -12.94
C LYS A 244 28.10 18.73 -13.60
N ASP A 245 27.06 18.27 -12.91
CA ASP A 245 25.70 18.28 -13.42
C ASP A 245 24.74 18.03 -12.26
N THR A 246 23.49 18.46 -12.39
CA THR A 246 22.52 18.26 -11.32
C THR A 246 21.40 17.31 -11.72
N THR A 247 21.69 16.39 -12.65
CA THR A 247 20.76 15.31 -12.95
C THR A 247 21.12 14.08 -12.12
N ARG A 248 20.18 13.15 -12.04
CA ARG A 248 20.44 11.90 -11.32
C ARG A 248 19.74 10.74 -12.04
N ARG A 249 20.10 9.51 -11.67
CA ARG A 249 19.48 8.34 -12.30
C ARG A 249 19.48 7.10 -11.41
N ILE A 250 18.52 6.20 -11.66
CA ILE A 250 18.39 4.97 -10.90
C ILE A 250 19.50 3.94 -11.18
N HIS A 251 20.14 3.49 -10.11
CA HIS A 251 20.99 2.29 -10.15
C HIS A 251 20.33 1.24 -9.26
N VAL A 252 20.60 -0.03 -9.52
CA VAL A 252 19.89 -1.08 -8.78
C VAL A 252 20.80 -2.23 -8.39
N SER A 253 20.60 -2.74 -7.18
CA SER A 253 21.33 -3.91 -6.71
C SER A 253 20.40 -5.01 -6.20
N THR A 254 20.77 -6.25 -6.48
CA THR A 254 20.01 -7.39 -6.00
C THR A 254 20.84 -8.26 -5.06
N ASP A 255 22.09 -7.86 -4.84
CA ASP A 255 22.94 -8.52 -3.85
C ASP A 255 23.29 -7.60 -2.68
N GLN A 256 22.32 -6.75 -2.33
CA GLN A 256 22.45 -5.84 -1.18
C GLN A 256 23.62 -4.86 -1.29
N GLY A 257 23.94 -4.43 -2.51
CA GLY A 257 24.92 -3.37 -2.71
C GLY A 257 26.32 -3.82 -3.08
N ASP A 258 26.56 -5.13 -3.05
CA ASP A 258 27.86 -5.66 -3.41
C ASP A 258 28.18 -5.39 -4.88
N THR A 259 27.17 -5.50 -5.74
CA THR A 259 27.30 -5.14 -7.15
C THR A 259 26.10 -4.32 -7.61
N TRP A 260 26.36 -3.27 -8.37
CA TRP A 260 25.30 -2.38 -8.85
C TRP A 260 25.18 -2.43 -10.36
N SER A 261 24.12 -1.81 -10.87
CA SER A 261 23.92 -1.70 -12.31
C SER A 261 23.00 -0.54 -12.66
N MET A 262 23.41 0.27 -13.63
CA MET A 262 22.59 1.38 -14.11
C MET A 262 21.33 0.89 -14.79
N ALA A 263 20.17 1.37 -14.34
CA ALA A 263 18.90 0.99 -14.94
C ALA A 263 18.73 1.63 -16.31
N GLN A 264 17.97 0.97 -17.19
CA GLN A 264 17.63 1.55 -18.48
C GLN A 264 16.42 2.47 -18.31
N LEU A 265 16.59 3.49 -17.49
CA LEU A 265 15.59 4.53 -17.29
C LEU A 265 16.22 5.89 -17.57
N PRO A 266 15.42 6.85 -18.06
CA PRO A 266 15.97 8.18 -18.27
C PRO A 266 16.43 8.79 -16.95
N SER A 267 17.44 9.64 -17.02
CA SER A 267 17.86 10.41 -15.86
C SER A 267 16.89 11.57 -15.68
N VAL A 268 16.85 12.15 -14.49
CA VAL A 268 15.93 13.24 -14.21
C VAL A 268 16.66 14.43 -13.58
N GLY A 269 15.99 15.58 -13.58
CA GLY A 269 16.57 16.80 -13.01
C GLY A 269 16.24 16.96 -11.54
N GLN A 270 16.41 18.18 -11.03
CA GLN A 270 16.17 18.45 -9.62
C GLN A 270 14.67 18.45 -9.28
N GLU A 271 13.86 19.01 -10.17
CA GLU A 271 12.43 19.13 -9.93
C GLU A 271 11.67 17.88 -10.36
N GLN A 272 12.40 16.82 -10.69
CA GLN A 272 11.79 15.55 -11.08
C GLN A 272 11.99 14.49 -10.00
N PHE A 273 11.16 13.46 -10.03
CA PHE A 273 11.28 12.38 -9.06
C PHE A 273 11.03 11.02 -9.70
N TYR A 274 11.60 9.98 -9.10
CA TYR A 274 11.21 8.60 -9.39
C TYR A 274 10.29 8.13 -8.27
N SER A 275 9.41 7.21 -8.59
CA SER A 275 8.54 6.63 -7.58
C SER A 275 8.35 5.15 -7.80
N ILE A 276 8.80 4.34 -6.85
CA ILE A 276 8.58 2.90 -6.90
C ILE A 276 7.12 2.61 -6.59
N LEU A 277 6.31 2.54 -7.64
CA LEU A 277 4.86 2.40 -7.49
C LEU A 277 4.48 1.10 -6.79
N ALA A 278 5.16 0.02 -7.18
CA ALA A 278 4.89 -1.29 -6.63
C ALA A 278 6.04 -2.21 -7.01
N ALA A 279 6.39 -3.12 -6.10
CA ALA A 279 7.49 -4.04 -6.33
C ALA A 279 7.23 -5.38 -5.65
N ASN A 280 7.47 -6.46 -6.37
CA ASN A 280 7.38 -7.78 -5.77
C ASN A 280 8.66 -8.57 -6.00
N ASP A 281 8.55 -9.88 -6.04
CA ASP A 281 9.74 -10.72 -6.18
C ASP A 281 10.14 -10.88 -7.63
N ASP A 282 9.24 -10.52 -8.54
CA ASP A 282 9.49 -10.68 -9.97
C ASP A 282 9.90 -9.38 -10.66
N MET A 283 9.33 -8.25 -10.26
CA MET A 283 9.53 -7.00 -10.99
C MET A 283 9.12 -5.76 -10.21
N VAL A 284 9.26 -4.60 -10.83
CA VAL A 284 8.85 -3.33 -10.22
C VAL A 284 8.19 -2.39 -11.24
N PHE A 285 7.11 -1.74 -10.81
CA PHE A 285 6.53 -0.63 -11.57
C PHE A 285 7.25 0.65 -11.19
N MET A 286 7.91 1.28 -12.15
CA MET A 286 8.65 2.50 -11.87
C MET A 286 8.00 3.70 -12.57
N HIS A 287 7.62 4.70 -11.78
CA HIS A 287 7.11 5.96 -12.32
C HIS A 287 8.24 6.98 -12.45
N VAL A 288 8.39 7.55 -13.64
CA VAL A 288 9.33 8.64 -13.86
C VAL A 288 8.58 9.95 -14.13
N ASP A 289 8.86 10.97 -13.32
CA ASP A 289 8.24 12.27 -13.50
C ASP A 289 8.68 12.92 -14.80
N GLU A 290 7.74 13.55 -15.49
CA GLU A 290 8.04 14.27 -16.71
C GLU A 290 8.68 15.62 -16.38
N PRO A 291 9.69 16.02 -17.17
CA PRO A 291 10.27 17.36 -17.03
C PRO A 291 9.22 18.45 -17.19
N GLY A 292 9.27 19.45 -16.32
CA GLY A 292 8.26 20.48 -16.31
C GLY A 292 7.25 20.26 -15.21
N ASP A 293 6.42 21.26 -14.96
CA ASP A 293 5.38 21.18 -13.95
C ASP A 293 4.11 20.60 -14.58
N THR A 294 4.21 19.36 -15.03
CA THR A 294 3.14 18.69 -15.75
C THR A 294 2.15 17.99 -14.82
N GLY A 295 2.68 17.38 -13.76
CA GLY A 295 1.85 16.62 -12.85
C GLY A 295 1.52 15.24 -13.41
N PHE A 296 2.30 14.80 -14.38
CA PHE A 296 2.17 13.44 -14.88
C PHE A 296 3.53 12.87 -15.23
N GLY A 297 3.55 11.58 -15.54
CA GLY A 297 4.79 10.90 -15.87
C GLY A 297 4.53 9.64 -16.65
N THR A 298 5.54 8.77 -16.67
CA THR A 298 5.48 7.54 -17.43
C THR A 298 5.74 6.35 -16.52
N ILE A 299 4.91 5.33 -16.63
CA ILE A 299 5.12 4.10 -15.89
C ILE A 299 5.98 3.15 -16.71
N PHE A 300 7.02 2.61 -16.07
CA PHE A 300 7.87 1.60 -16.69
C PHE A 300 7.76 0.32 -15.88
N THR A 301 7.79 -0.81 -16.56
CA THR A 301 7.85 -2.10 -15.88
C THR A 301 9.24 -2.70 -16.12
N SER A 302 9.82 -3.30 -15.08
CA SER A 302 11.17 -3.84 -15.18
C SER A 302 11.18 -5.32 -15.48
N ASP A 303 12.33 -5.82 -15.88
CA ASP A 303 12.55 -7.26 -15.94
C ASP A 303 12.84 -7.75 -14.53
N ASP A 304 13.17 -9.04 -14.38
CA ASP A 304 13.38 -9.58 -13.04
C ASP A 304 14.72 -9.19 -12.42
N ARG A 305 15.48 -8.36 -13.13
CA ARG A 305 16.74 -7.85 -12.59
C ARG A 305 16.62 -6.38 -12.19
N GLY A 306 15.46 -5.79 -12.44
CA GLY A 306 15.25 -4.38 -12.16
C GLY A 306 16.13 -3.48 -13.01
N ILE A 307 16.48 -3.98 -14.19
CA ILE A 307 17.48 -3.33 -15.03
C ILE A 307 16.91 -2.88 -16.36
N VAL A 308 16.28 -3.80 -17.09
CA VAL A 308 15.66 -3.44 -18.37
C VAL A 308 14.21 -3.06 -18.13
N TYR A 309 13.83 -1.88 -18.61
CA TYR A 309 12.49 -1.34 -18.38
C TYR A 309 11.77 -1.12 -19.70
N SER A 310 10.51 -1.53 -19.77
CA SER A 310 9.71 -1.24 -20.95
C SER A 310 8.63 -0.23 -20.58
N LYS A 311 8.39 0.72 -21.48
CA LYS A 311 7.39 1.74 -21.27
C LYS A 311 6.01 1.08 -21.22
N SER A 312 5.28 1.34 -20.15
CA SER A 312 4.00 0.69 -19.92
C SER A 312 2.82 1.65 -20.09
N LEU A 313 2.92 2.86 -19.55
CA LEU A 313 1.80 3.81 -19.58
C LEU A 313 2.24 5.26 -19.61
N ASP A 314 1.71 6.00 -20.58
CA ASP A 314 2.07 7.41 -20.75
C ASP A 314 1.10 8.32 -19.99
N ARG A 315 1.58 9.52 -19.68
CA ARG A 315 0.78 10.55 -19.01
C ARG A 315 0.07 10.02 -17.78
N HIS A 316 0.82 9.25 -16.97
CA HIS A 316 0.32 8.72 -15.71
C HIS A 316 0.23 9.85 -14.68
N LEU A 317 -0.96 10.04 -14.12
CA LEU A 317 -1.21 11.09 -13.15
C LEU A 317 -0.47 10.84 -11.83
N TYR A 318 0.31 11.84 -11.42
CA TYR A 318 1.15 11.77 -10.23
C TYR A 318 1.69 13.17 -9.98
N THR A 319 1.11 13.86 -9.00
CA THR A 319 1.33 15.31 -8.84
C THR A 319 2.75 15.66 -8.41
N THR A 320 3.05 16.97 -8.45
CA THR A 320 4.39 17.48 -8.22
C THR A 320 5.02 17.04 -6.90
N THR A 321 6.32 16.76 -6.94
CA THR A 321 7.11 16.35 -5.78
C THR A 321 6.58 15.07 -5.16
N GLY A 322 6.00 14.20 -5.99
CA GLY A 322 5.48 12.93 -5.53
C GLY A 322 4.38 13.09 -4.50
N GLY A 323 3.29 13.73 -4.90
CA GLY A 323 2.18 13.95 -4.01
C GLY A 323 1.19 12.81 -4.06
N GLU A 324 0.14 12.98 -4.86
CA GLU A 324 -0.91 11.97 -4.95
C GLU A 324 -0.87 11.21 -6.28
N THR A 325 -1.08 9.90 -6.20
CA THR A 325 -1.27 9.07 -7.39
C THR A 325 -2.41 8.10 -7.17
N ASP A 326 -3.10 7.75 -8.24
CA ASP A 326 -4.24 6.85 -8.13
C ASP A 326 -3.86 5.40 -8.38
N PHE A 327 -2.56 5.16 -8.55
CA PHE A 327 -2.08 3.82 -8.89
C PHE A 327 -2.46 2.80 -7.83
N THR A 328 -3.27 1.82 -8.23
CA THR A 328 -3.81 0.85 -7.29
C THR A 328 -3.58 -0.59 -7.72
N ASN A 329 -2.87 -1.34 -6.89
CA ASN A 329 -2.83 -2.80 -7.02
C ASN A 329 -4.19 -3.38 -6.65
N VAL A 330 -4.89 -3.90 -7.63
CA VAL A 330 -6.12 -4.65 -7.39
C VAL A 330 -5.70 -6.03 -6.84
N THR A 331 -5.60 -6.11 -5.52
CA THR A 331 -4.94 -7.24 -4.88
C THR A 331 -5.77 -8.51 -4.84
N SER A 332 -7.02 -8.44 -5.29
CA SER A 332 -7.89 -9.61 -5.28
C SER A 332 -7.91 -10.35 -6.61
N LEU A 333 -6.96 -10.02 -7.48
CA LEU A 333 -6.78 -10.77 -8.72
C LEU A 333 -5.41 -10.53 -9.32
N ARG A 334 -4.69 -11.61 -9.57
CA ARG A 334 -3.34 -11.60 -10.12
C ARG A 334 -3.22 -10.77 -11.39
N GLY A 335 -2.27 -9.85 -11.40
CA GLY A 335 -1.96 -9.07 -12.59
C GLY A 335 -2.80 -7.83 -12.82
N VAL A 336 -3.75 -7.54 -11.93
CA VAL A 336 -4.65 -6.41 -12.17
C VAL A 336 -4.24 -5.16 -11.38
N TYR A 337 -4.12 -4.06 -12.11
CA TYR A 337 -3.85 -2.75 -11.54
C TYR A 337 -4.70 -1.70 -12.23
N ILE A 338 -5.19 -0.73 -11.46
CA ILE A 338 -5.88 0.43 -12.04
C ILE A 338 -5.11 1.70 -11.71
N THR A 339 -5.24 2.72 -12.57
CA THR A 339 -4.65 4.03 -12.29
C THR A 339 -5.30 5.13 -13.10
N SER A 340 -4.85 6.36 -12.91
CA SER A 340 -5.39 7.51 -13.63
C SER A 340 -4.37 8.03 -14.63
N VAL A 341 -4.85 8.39 -15.82
CA VAL A 341 -4.01 9.08 -16.79
C VAL A 341 -4.59 10.44 -17.11
N LEU A 342 -3.75 11.32 -17.62
CA LEU A 342 -4.16 12.66 -17.95
C LEU A 342 -4.24 12.83 -19.48
N SER A 343 -5.44 13.12 -19.96
CA SER A 343 -5.65 13.29 -21.40
C SER A 343 -5.02 14.59 -21.89
N GLU A 344 -5.15 14.84 -23.19
CA GLU A 344 -4.62 16.05 -23.78
C GLU A 344 -5.48 17.26 -23.41
N ASP A 345 -6.78 17.05 -23.24
CA ASP A 345 -7.71 18.11 -22.89
C ASP A 345 -7.84 18.29 -21.38
N ASN A 346 -6.85 17.80 -20.64
CA ASN A 346 -6.78 17.95 -19.18
C ASN A 346 -7.96 17.35 -18.39
N SER A 347 -8.64 16.38 -18.97
CA SER A 347 -9.55 15.55 -18.20
C SER A 347 -8.77 14.35 -17.67
N ILE A 348 -9.37 13.59 -16.77
CA ILE A 348 -8.71 12.44 -16.19
C ILE A 348 -9.49 11.16 -16.50
N GLN A 349 -8.81 10.16 -17.05
CA GLN A 349 -9.43 8.86 -17.33
C GLN A 349 -8.79 7.75 -16.53
N THR A 350 -9.60 6.77 -16.12
CA THR A 350 -9.08 5.62 -15.39
C THR A 350 -8.77 4.49 -16.37
N MET A 351 -7.65 3.81 -16.14
CA MET A 351 -7.23 2.69 -16.99
C MET A 351 -6.94 1.45 -16.14
N ILE A 352 -7.17 0.29 -16.71
CA ILE A 352 -6.92 -0.94 -15.99
C ILE A 352 -6.08 -1.88 -16.84
N THR A 353 -5.10 -2.52 -16.20
CA THR A 353 -4.31 -3.58 -16.84
C THR A 353 -4.60 -4.91 -16.17
N PHE A 354 -4.70 -5.97 -16.96
CA PHE A 354 -4.98 -7.29 -16.40
C PHE A 354 -3.76 -8.18 -16.45
N ASP A 355 -2.70 -7.71 -17.09
CA ASP A 355 -1.50 -8.51 -17.26
C ASP A 355 -0.26 -7.76 -16.81
N GLN A 356 -0.34 -7.17 -15.62
CA GLN A 356 0.83 -6.57 -14.99
C GLN A 356 1.44 -5.47 -15.86
N GLY A 357 0.58 -4.65 -16.46
CA GLY A 357 1.03 -3.46 -17.17
C GLY A 357 1.46 -3.69 -18.60
N GLY A 358 1.19 -4.89 -19.13
CA GLY A 358 1.53 -5.20 -20.50
C GLY A 358 0.59 -4.51 -21.47
N ARG A 359 -0.67 -4.38 -21.07
CA ARG A 359 -1.67 -3.69 -21.87
C ARG A 359 -2.69 -3.02 -20.96
N TRP A 360 -2.96 -1.74 -21.23
CA TRP A 360 -3.98 -0.99 -20.48
C TRP A 360 -5.18 -0.70 -21.36
N THR A 361 -6.35 -0.55 -20.75
CA THR A 361 -7.58 -0.17 -21.46
C THR A 361 -8.53 0.55 -20.52
N HIS A 362 -9.70 0.91 -21.02
CA HIS A 362 -10.71 1.53 -20.18
C HIS A 362 -11.50 0.46 -19.42
N LEU A 363 -12.03 0.83 -18.26
CA LEU A 363 -12.89 -0.08 -17.51
C LEU A 363 -14.26 -0.13 -18.18
N ARG A 364 -14.77 -1.34 -18.38
CA ARG A 364 -16.10 -1.55 -18.94
C ARG A 364 -17.13 -0.97 -17.98
N LYS A 365 -18.11 -0.26 -18.51
CA LYS A 365 -19.15 0.32 -17.67
C LYS A 365 -20.22 -0.71 -17.36
N PRO A 366 -20.93 -0.55 -16.23
CA PRO A 366 -22.08 -1.38 -15.88
C PRO A 366 -23.14 -1.40 -16.97
N GLU A 367 -23.73 -2.56 -17.23
CA GLU A 367 -24.71 -2.72 -18.31
C GLU A 367 -25.84 -1.69 -18.25
N ASN A 368 -26.23 -1.33 -17.03
CA ASN A 368 -27.42 -0.50 -16.83
C ASN A 368 -27.12 0.99 -16.69
N SER A 369 -25.87 1.33 -16.44
CA SER A 369 -25.49 2.72 -16.20
C SER A 369 -25.60 3.57 -17.46
N GLU A 370 -26.19 4.76 -17.32
CA GLU A 370 -26.18 5.76 -18.36
C GLU A 370 -24.90 6.58 -18.26
N CYS A 371 -24.62 7.40 -19.26
CA CYS A 371 -23.35 8.13 -19.32
C CYS A 371 -23.45 9.56 -18.80
N ASP A 372 -22.33 10.08 -18.32
CA ASP A 372 -22.23 11.43 -17.75
C ASP A 372 -22.41 12.52 -18.78
N ALA A 373 -22.36 13.77 -18.31
CA ALA A 373 -22.27 14.94 -19.17
C ALA A 373 -20.83 15.11 -19.64
N THR A 374 -19.95 14.28 -19.08
CA THR A 374 -18.56 14.21 -19.50
C THR A 374 -18.44 13.34 -20.74
N ALA A 375 -19.50 12.60 -21.05
CA ALA A 375 -19.49 11.65 -22.16
C ALA A 375 -20.08 12.25 -23.42
N LYS A 376 -19.27 12.36 -24.47
CA LYS A 376 -19.70 12.98 -25.71
C LYS A 376 -20.75 12.14 -26.44
N ASN A 377 -20.71 10.83 -26.22
CA ASN A 377 -21.75 9.95 -26.73
C ASN A 377 -22.58 9.41 -25.57
N LYS A 378 -23.87 9.75 -25.58
CA LYS A 378 -24.76 9.45 -24.47
C LYS A 378 -24.87 7.95 -24.17
N ASN A 379 -24.68 7.14 -25.21
CA ASN A 379 -24.89 5.70 -25.06
C ASN A 379 -23.62 4.90 -24.78
N GLU A 380 -22.46 5.45 -25.15
CA GLU A 380 -21.19 4.74 -24.99
C GLU A 380 -20.17 5.50 -24.15
N CYS A 381 -19.62 4.83 -23.16
CA CYS A 381 -18.58 5.40 -22.31
C CYS A 381 -17.90 4.30 -21.50
N SER A 382 -17.33 4.69 -20.36
CA SER A 382 -16.60 3.76 -19.52
C SER A 382 -16.70 4.16 -18.05
N LEU A 383 -16.23 3.29 -17.16
CA LEU A 383 -16.23 3.59 -15.74
C LEU A 383 -14.90 4.16 -15.32
N HIS A 384 -14.95 5.19 -14.48
CA HIS A 384 -13.75 5.83 -13.96
C HIS A 384 -13.79 5.81 -12.45
N ILE A 385 -12.62 5.77 -11.82
CA ILE A 385 -12.55 5.44 -10.40
C ILE A 385 -11.97 6.59 -9.58
N HIS A 386 -12.66 6.90 -8.48
CA HIS A 386 -12.16 7.89 -7.53
C HIS A 386 -11.12 7.25 -6.60
N ALA A 387 -9.96 7.88 -6.49
CA ALA A 387 -8.93 7.40 -5.60
C ALA A 387 -8.23 8.57 -4.94
N SER A 388 -6.97 8.38 -4.56
CA SER A 388 -6.25 9.35 -3.74
C SER A 388 -6.30 10.77 -4.30
N TYR A 389 -6.25 10.88 -5.62
CA TYR A 389 -6.28 12.20 -6.24
C TYR A 389 -7.63 12.91 -6.05
N SER A 390 -8.72 12.22 -6.40
CA SER A 390 -10.07 12.73 -6.19
C SER A 390 -10.28 13.19 -4.75
N ILE A 391 -9.75 12.43 -3.81
CA ILE A 391 -9.88 12.75 -2.40
C ILE A 391 -9.13 14.03 -2.06
N SER A 392 -7.93 14.17 -2.63
CA SER A 392 -7.11 15.36 -2.38
C SER A 392 -7.78 16.63 -2.92
N GLN A 393 -8.58 16.45 -3.97
CA GLN A 393 -9.24 17.57 -4.61
C GLN A 393 -10.59 17.87 -3.96
N LYS A 394 -10.77 17.36 -2.77
CA LYS A 394 -11.94 17.64 -1.94
C LYS A 394 -13.26 17.20 -2.60
N LEU A 395 -13.20 16.21 -3.48
CA LEU A 395 -14.42 15.58 -3.98
C LEU A 395 -15.08 14.77 -2.87
N ASN A 396 -16.38 14.53 -3.00
CA ASN A 396 -17.13 13.78 -1.99
C ASN A 396 -16.81 12.28 -2.03
N VAL A 397 -15.56 11.94 -1.80
CA VAL A 397 -15.08 10.57 -1.86
C VAL A 397 -14.54 10.12 -0.51
N PRO A 398 -15.33 9.36 0.25
CA PRO A 398 -14.93 8.96 1.61
C PRO A 398 -13.93 7.80 1.67
N MET A 399 -13.78 7.03 0.59
CA MET A 399 -12.83 5.91 0.59
C MET A 399 -12.25 5.63 -0.78
N ALA A 400 -10.95 5.33 -0.81
CA ALA A 400 -10.29 4.85 -2.02
C ALA A 400 -10.80 3.45 -2.39
N PRO A 401 -10.34 2.88 -3.51
CA PRO A 401 -10.82 1.51 -3.79
C PRO A 401 -10.34 0.49 -2.77
N LEU A 402 -11.18 -0.52 -2.53
CA LEU A 402 -10.87 -1.60 -1.59
C LEU A 402 -10.84 -2.96 -2.26
N SER A 403 -9.84 -3.76 -1.90
CA SER A 403 -9.79 -5.16 -2.30
C SER A 403 -8.93 -5.93 -1.32
N GLU A 404 -9.29 -7.19 -1.09
CA GLU A 404 -8.51 -8.06 -0.22
C GLU A 404 -8.21 -9.37 -0.94
N PRO A 405 -6.95 -9.83 -0.88
CA PRO A 405 -6.50 -11.04 -1.58
C PRO A 405 -7.25 -12.32 -1.23
N ASN A 406 -7.91 -12.37 -0.08
CA ASN A 406 -8.68 -13.56 0.30
C ASN A 406 -10.11 -13.49 -0.17
N ALA A 407 -10.52 -12.32 -0.66
CA ALA A 407 -11.81 -12.16 -1.30
C ALA A 407 -11.61 -12.11 -2.81
N VAL A 408 -11.49 -13.27 -3.41
CA VAL A 408 -11.14 -13.38 -4.83
C VAL A 408 -12.08 -12.59 -5.74
N GLY A 409 -11.50 -11.73 -6.58
CA GLY A 409 -12.24 -11.02 -7.59
C GLY A 409 -12.95 -9.75 -7.14
N ILE A 410 -13.15 -9.60 -5.84
CA ILE A 410 -13.95 -8.48 -5.34
C ILE A 410 -13.20 -7.15 -5.36
N VAL A 411 -13.80 -6.16 -6.01
CA VAL A 411 -13.27 -4.80 -6.00
C VAL A 411 -14.39 -3.79 -5.76
N ILE A 412 -14.17 -2.88 -4.82
CA ILE A 412 -15.16 -1.87 -4.45
C ILE A 412 -14.56 -0.48 -4.56
N ALA A 413 -15.28 0.43 -5.21
CA ALA A 413 -14.76 1.78 -5.41
C ALA A 413 -15.84 2.80 -5.74
N HIS A 414 -15.61 4.04 -5.31
CA HIS A 414 -16.42 5.14 -5.79
C HIS A 414 -15.97 5.46 -7.21
N GLY A 415 -16.93 5.68 -8.10
CA GLY A 415 -16.61 5.99 -9.46
C GLY A 415 -17.64 6.85 -10.15
N SER A 416 -17.48 6.99 -11.46
CA SER A 416 -18.48 7.67 -12.29
C SER A 416 -18.44 7.09 -13.68
N VAL A 417 -19.58 7.13 -14.36
CA VAL A 417 -19.73 6.55 -15.68
C VAL A 417 -19.83 7.63 -16.76
N GLY A 418 -18.77 7.75 -17.55
CA GLY A 418 -18.68 8.75 -18.59
C GLY A 418 -17.33 8.68 -19.27
N ASP A 419 -16.90 9.76 -19.91
CA ASP A 419 -15.62 9.78 -20.60
C ASP A 419 -14.49 10.26 -19.70
N ALA A 420 -14.81 10.71 -18.49
CA ALA A 420 -13.78 11.18 -17.57
C ALA A 420 -14.28 11.19 -16.13
N ILE A 421 -13.36 11.31 -15.20
CA ILE A 421 -13.71 11.42 -13.78
C ILE A 421 -14.59 12.64 -13.54
N SER A 422 -15.77 12.39 -12.99
CA SER A 422 -16.75 13.45 -12.73
C SER A 422 -16.61 14.05 -11.33
N VAL A 423 -16.92 15.34 -11.23
CA VAL A 423 -16.81 16.06 -9.96
C VAL A 423 -18.08 15.88 -9.14
N MET A 424 -19.08 15.23 -9.73
CA MET A 424 -20.35 14.97 -9.06
C MET A 424 -20.17 14.04 -7.88
N VAL A 425 -21.18 13.98 -7.01
CA VAL A 425 -21.20 13.07 -5.87
C VAL A 425 -21.33 11.63 -6.38
N PRO A 426 -20.33 10.80 -6.08
CA PRO A 426 -20.20 9.46 -6.67
C PRO A 426 -20.99 8.35 -5.96
N ASP A 427 -21.58 7.45 -6.76
CA ASP A 427 -22.12 6.20 -6.23
C ASP A 427 -20.97 5.23 -6.00
N VAL A 428 -21.31 4.03 -5.53
CA VAL A 428 -20.29 3.01 -5.26
C VAL A 428 -20.47 1.82 -6.20
N TYR A 429 -19.38 1.40 -6.83
CA TYR A 429 -19.41 0.31 -7.80
C TYR A 429 -18.63 -0.90 -7.30
N ILE A 430 -19.09 -2.08 -7.68
CA ILE A 430 -18.40 -3.30 -7.30
C ILE A 430 -18.14 -4.18 -8.52
N SER A 431 -16.99 -4.85 -8.51
CA SER A 431 -16.69 -5.91 -9.45
C SER A 431 -16.44 -7.19 -8.67
N ASP A 432 -16.86 -8.34 -9.20
CA ASP A 432 -16.58 -9.62 -8.54
C ASP A 432 -15.57 -10.46 -9.33
N ASP A 433 -15.16 -9.97 -10.50
CA ASP A 433 -14.24 -10.71 -11.34
C ASP A 433 -12.90 -10.00 -11.52
N GLY A 434 -12.55 -9.15 -10.56
CA GLY A 434 -11.26 -8.48 -10.57
C GLY A 434 -11.13 -7.29 -11.51
N GLY A 435 -12.25 -6.72 -11.95
CA GLY A 435 -12.21 -5.50 -12.74
C GLY A 435 -12.75 -5.55 -14.15
N TYR A 436 -13.07 -6.75 -14.64
CA TYR A 436 -13.55 -6.93 -16.01
C TYR A 436 -14.97 -6.40 -16.22
N SER A 437 -15.84 -6.64 -15.25
CA SER A 437 -17.23 -6.20 -15.32
C SER A 437 -17.62 -5.52 -14.00
N TRP A 438 -18.55 -4.58 -14.07
CA TRP A 438 -18.92 -3.78 -12.91
C TRP A 438 -20.42 -3.64 -12.74
N THR A 439 -20.83 -3.34 -11.52
CA THR A 439 -22.23 -3.06 -11.21
C THR A 439 -22.26 -1.97 -10.14
N LYS A 440 -23.29 -1.13 -10.18
CA LYS A 440 -23.47 -0.17 -9.10
C LYS A 440 -23.86 -0.92 -7.83
N MET A 441 -23.03 -0.82 -6.80
CA MET A 441 -23.28 -1.50 -5.54
C MET A 441 -24.31 -0.73 -4.72
N LEU A 442 -24.02 0.53 -4.46
CA LEU A 442 -24.91 1.40 -3.69
C LEU A 442 -24.91 2.80 -4.30
N GLU A 443 -26.04 3.48 -4.22
CA GLU A 443 -26.14 4.85 -4.69
C GLU A 443 -25.69 5.82 -3.62
N GLY A 444 -24.80 6.73 -3.98
CA GLY A 444 -24.27 7.71 -3.05
C GLY A 444 -23.02 7.21 -2.36
N PRO A 445 -22.21 8.14 -1.82
CA PRO A 445 -20.93 7.75 -1.22
C PRO A 445 -21.11 6.94 0.06
N HIS A 446 -20.30 5.90 0.22
CA HIS A 446 -20.35 5.02 1.37
C HIS A 446 -18.96 4.69 1.88
N TYR A 447 -18.87 4.25 3.13
CA TYR A 447 -17.67 3.57 3.60
C TYR A 447 -17.95 2.08 3.49
N TYR A 448 -16.95 1.29 3.12
CA TYR A 448 -17.18 -0.15 2.98
C TYR A 448 -16.05 -0.98 3.59
N THR A 449 -16.40 -2.20 4.00
CA THR A 449 -15.45 -3.13 4.57
C THR A 449 -15.83 -4.52 4.13
N ILE A 450 -14.81 -5.35 3.84
CA ILE A 450 -15.06 -6.75 3.54
C ILE A 450 -14.75 -7.63 4.75
N LEU A 451 -15.69 -8.49 5.09
CA LEU A 451 -15.51 -9.43 6.19
C LEU A 451 -15.55 -10.86 5.68
N ASP A 452 -14.92 -11.77 6.43
CA ASP A 452 -14.97 -13.20 6.15
C ASP A 452 -14.65 -13.55 4.69
N SER A 453 -13.56 -12.99 4.17
CA SER A 453 -13.09 -13.30 2.83
C SER A 453 -14.20 -13.23 1.79
N GLY A 454 -15.04 -12.20 1.89
CA GLY A 454 -16.15 -12.01 0.98
C GLY A 454 -17.49 -12.47 1.49
N GLY A 455 -17.49 -13.22 2.59
CA GLY A 455 -18.71 -13.75 3.16
C GLY A 455 -19.73 -12.69 3.53
N ILE A 456 -19.23 -11.53 3.94
CA ILE A 456 -20.09 -10.38 4.27
C ILE A 456 -19.44 -9.10 3.79
N ILE A 457 -20.23 -8.22 3.17
CA ILE A 457 -19.77 -6.89 2.85
C ILE A 457 -20.60 -5.85 3.62
N VAL A 458 -19.91 -4.97 4.32
CA VAL A 458 -20.55 -3.97 5.15
C VAL A 458 -20.40 -2.56 4.55
N ALA A 459 -21.43 -1.74 4.69
CA ALA A 459 -21.38 -0.38 4.16
C ALA A 459 -22.10 0.65 5.05
N ILE A 460 -21.46 1.80 5.23
CA ILE A 460 -22.02 2.92 5.99
C ILE A 460 -22.20 4.12 5.09
N GLU A 461 -23.40 4.69 5.11
CA GLU A 461 -23.70 5.86 4.28
C GLU A 461 -22.91 7.08 4.72
N HIS A 462 -22.26 7.74 3.77
CA HIS A 462 -21.57 8.99 4.06
C HIS A 462 -22.55 10.14 4.09
N SER A 463 -22.71 10.76 5.26
CA SER A 463 -23.64 11.86 5.42
C SER A 463 -23.01 13.01 6.20
N SER A 464 -23.57 14.20 6.06
CA SER A 464 -23.13 15.34 6.86
C SER A 464 -23.97 15.42 8.14
N ARG A 465 -24.95 14.51 8.23
CA ARG A 465 -25.80 14.38 9.41
C ARG A 465 -25.56 13.02 10.05
N PRO A 466 -25.80 12.91 11.38
CA PRO A 466 -25.52 11.64 12.07
C PRO A 466 -26.32 10.47 11.52
N ILE A 467 -25.68 9.30 11.46
CA ILE A 467 -26.33 8.09 10.98
C ILE A 467 -26.53 7.10 12.12
N ASN A 468 -27.48 6.17 11.96
CA ASN A 468 -27.67 5.10 12.92
C ASN A 468 -27.98 3.77 12.24
N VAL A 469 -27.51 3.63 11.01
CA VAL A 469 -27.81 2.44 10.21
C VAL A 469 -26.59 1.90 9.50
N ILE A 470 -26.41 0.58 9.55
CA ILE A 470 -25.35 -0.09 8.81
C ILE A 470 -25.98 -0.98 7.75
N LYS A 471 -25.30 -1.14 6.62
CA LYS A 471 -25.81 -1.99 5.55
C LYS A 471 -24.90 -3.20 5.36
N PHE A 472 -25.49 -4.39 5.20
CA PHE A 472 -24.70 -5.58 4.97
C PHE A 472 -25.18 -6.40 3.76
N SER A 473 -24.28 -7.19 3.19
CA SER A 473 -24.56 -8.02 2.02
C SER A 473 -23.84 -9.36 2.09
N THR A 474 -24.60 -10.45 2.07
CA THR A 474 -24.02 -11.79 2.15
C THR A 474 -23.88 -12.44 0.77
N ASP A 475 -24.11 -11.67 -0.29
CA ASP A 475 -23.97 -12.20 -1.64
C ASP A 475 -23.07 -11.32 -2.49
N GLU A 476 -22.02 -10.79 -1.87
CA GLU A 476 -20.99 -10.00 -2.57
C GLU A 476 -21.55 -8.77 -3.29
N GLY A 477 -22.47 -8.07 -2.64
CA GLY A 477 -22.88 -6.75 -3.08
C GLY A 477 -24.12 -6.63 -3.94
N GLN A 478 -24.66 -7.77 -4.37
CA GLN A 478 -25.85 -7.74 -5.22
C GLN A 478 -27.09 -7.28 -4.45
N CYS A 479 -27.35 -7.91 -3.31
CA CYS A 479 -28.51 -7.56 -2.49
C CYS A 479 -28.08 -7.02 -1.13
N TRP A 480 -28.88 -6.11 -0.58
CA TRP A 480 -28.52 -5.44 0.66
C TRP A 480 -29.66 -5.42 1.66
N GLN A 481 -29.29 -5.37 2.94
CA GLN A 481 -30.26 -5.23 4.01
C GLN A 481 -29.72 -4.23 5.03
N THR A 482 -30.60 -3.37 5.52
CA THR A 482 -30.19 -2.32 6.45
C THR A 482 -30.50 -2.69 7.89
N TYR A 483 -29.59 -2.36 8.79
CA TYR A 483 -29.78 -2.64 10.21
C TYR A 483 -29.51 -1.40 11.06
N THR A 484 -30.50 -1.05 11.89
CA THR A 484 -30.39 0.08 12.80
C THR A 484 -29.63 -0.33 14.06
N PHE A 485 -28.37 0.12 14.16
CA PHE A 485 -27.48 -0.39 15.20
C PHE A 485 -27.48 0.44 16.49
N THR A 486 -28.17 1.57 16.50
CA THR A 486 -28.28 2.35 17.73
C THR A 486 -29.52 3.25 17.73
N ARG A 487 -30.03 3.52 18.93
CA ARG A 487 -31.21 4.35 19.06
C ARG A 487 -30.89 5.81 18.73
N ASP A 488 -29.75 6.28 19.21
CA ASP A 488 -29.33 7.67 18.98
C ASP A 488 -28.23 7.74 17.94
N PRO A 489 -28.50 8.43 16.83
CA PRO A 489 -27.55 8.51 15.70
C PRO A 489 -26.23 9.17 16.09
N ILE A 490 -25.15 8.70 15.47
CA ILE A 490 -23.82 9.24 15.75
C ILE A 490 -23.26 9.91 14.50
N TYR A 491 -22.37 10.87 14.70
CA TYR A 491 -21.60 11.44 13.60
C TYR A 491 -20.47 10.49 13.25
N PHE A 492 -20.64 9.73 12.17
CA PHE A 492 -19.70 8.69 11.77
C PHE A 492 -18.30 9.24 11.48
N THR A 493 -17.28 8.49 11.89
CA THR A 493 -15.90 8.87 11.61
C THR A 493 -15.15 7.76 10.87
N GLY A 494 -15.31 6.51 11.31
CA GLY A 494 -14.59 5.41 10.69
C GLY A 494 -15.07 4.01 10.97
N LEU A 495 -14.66 3.08 10.11
CA LEU A 495 -14.85 1.66 10.31
C LEU A 495 -13.54 0.99 10.68
N ALA A 496 -13.52 0.27 11.78
CA ALA A 496 -12.34 -0.51 12.11
C ALA A 496 -12.67 -2.00 12.07
N SER A 497 -11.72 -2.79 11.57
CA SER A 497 -11.87 -4.23 11.54
C SER A 497 -10.50 -4.87 11.46
N GLU A 498 -10.39 -6.09 11.95
CA GLU A 498 -9.10 -6.78 11.97
C GLU A 498 -8.53 -6.92 10.56
N PRO A 499 -7.29 -6.46 10.37
CA PRO A 499 -6.56 -6.63 9.10
C PRO A 499 -6.59 -8.07 8.62
N GLY A 500 -6.78 -8.25 7.31
CA GLY A 500 -6.80 -9.57 6.72
C GLY A 500 -8.17 -9.96 6.23
N ALA A 501 -9.18 -9.18 6.62
CA ALA A 501 -10.56 -9.41 6.19
C ALA A 501 -11.08 -10.82 6.50
N ARG A 502 -10.66 -11.36 7.64
CA ARG A 502 -11.07 -12.71 8.03
C ARG A 502 -11.99 -12.72 9.24
N SER A 503 -12.08 -11.60 9.95
CA SER A 503 -12.93 -11.55 11.13
C SER A 503 -14.39 -11.41 10.71
N MET A 504 -15.28 -11.50 11.68
CA MET A 504 -16.70 -11.32 11.43
C MET A 504 -17.20 -10.21 12.35
N ASN A 505 -16.23 -9.49 12.90
CA ASN A 505 -16.49 -8.31 13.70
C ASN A 505 -16.14 -7.04 12.93
N ILE A 506 -17.01 -6.03 13.00
CA ILE A 506 -16.67 -4.70 12.51
C ILE A 506 -17.04 -3.63 13.54
N SER A 507 -16.19 -2.62 13.66
CA SER A 507 -16.43 -1.53 14.60
C SER A 507 -16.80 -0.23 13.88
N ILE A 508 -17.89 0.38 14.33
CA ILE A 508 -18.35 1.66 13.81
C ILE A 508 -17.97 2.77 14.78
N TRP A 509 -17.03 3.62 14.39
CA TRP A 509 -16.61 4.72 15.25
C TRP A 509 -17.29 6.03 14.90
N GLY A 510 -17.40 6.92 15.87
CA GLY A 510 -18.02 8.21 15.67
C GLY A 510 -18.26 8.92 16.99
N PHE A 511 -18.79 10.13 16.93
CA PHE A 511 -19.08 10.87 18.15
C PHE A 511 -20.56 11.27 18.22
N THR A 512 -21.08 11.31 19.43
CA THR A 512 -22.49 11.60 19.67
C THR A 512 -22.83 13.03 19.29
N GLU A 513 -24.12 13.29 19.08
CA GLU A 513 -24.58 14.60 18.65
C GLU A 513 -24.69 15.57 19.83
N SER A 514 -23.83 16.59 19.84
CA SER A 514 -23.83 17.59 20.89
C SER A 514 -23.07 18.84 20.46
N LEU A 516 -22.17 20.95 26.86
CA LEU A 516 -22.63 19.81 26.09
C LEU A 516 -21.63 19.47 24.98
N THR A 517 -20.66 18.63 25.31
CA THR A 517 -19.59 18.29 24.38
C THR A 517 -19.71 16.85 23.89
N SER A 518 -19.29 16.61 22.65
CA SER A 518 -19.37 15.30 22.04
C SER A 518 -18.50 14.27 22.76
N GLN A 519 -18.94 13.02 22.71
CA GLN A 519 -18.17 11.91 23.27
C GLN A 519 -17.93 10.85 22.20
N TRP A 520 -16.70 10.36 22.15
CA TRP A 520 -16.36 9.26 21.25
C TRP A 520 -17.17 8.01 21.60
N VAL A 521 -17.62 7.29 20.57
CA VAL A 521 -18.35 6.05 20.80
C VAL A 521 -18.13 5.08 19.64
N SER A 522 -18.03 3.79 19.97
CA SER A 522 -17.91 2.75 18.96
C SER A 522 -18.96 1.68 19.17
N TYR A 523 -19.54 1.21 18.06
CA TYR A 523 -20.48 0.11 18.10
C TYR A 523 -19.92 -1.06 17.31
N THR A 524 -19.51 -2.12 18.01
CA THR A 524 -18.97 -3.29 17.33
C THR A 524 -20.05 -4.35 17.15
N ILE A 525 -20.18 -4.84 15.91
CA ILE A 525 -21.17 -5.85 15.59
C ILE A 525 -20.50 -7.19 15.28
N ASP A 526 -20.99 -8.25 15.90
CA ASP A 526 -20.51 -9.60 15.60
C ASP A 526 -21.55 -10.31 14.74
N PHE A 527 -21.20 -10.57 13.49
CA PHE A 527 -22.12 -11.21 12.56
C PHE A 527 -22.14 -12.73 12.69
N LYS A 528 -21.82 -13.25 13.87
CA LYS A 528 -21.64 -14.69 14.02
C LYS A 528 -22.96 -15.45 13.92
N ASP A 529 -24.08 -14.76 14.14
CA ASP A 529 -25.38 -15.40 14.10
C ASP A 529 -26.13 -15.06 12.80
N ILE A 530 -25.55 -14.16 12.01
CA ILE A 530 -26.05 -13.92 10.67
C ILE A 530 -25.60 -15.06 9.76
N LEU A 531 -24.33 -15.43 9.90
CA LEU A 531 -23.77 -16.58 9.17
C LEU A 531 -23.63 -17.75 10.12
N GLU A 532 -24.76 -18.24 10.63
CA GLU A 532 -24.78 -19.27 11.66
C GLU A 532 -24.31 -20.63 11.15
N ARG A 533 -24.14 -20.75 9.84
CA ARG A 533 -23.71 -22.00 9.25
C ARG A 533 -22.30 -21.90 8.68
N ASN A 534 -21.48 -22.90 8.95
CA ASN A 534 -20.16 -22.99 8.35
C ASN A 534 -20.24 -23.48 6.92
N CYS A 535 -19.41 -22.94 6.04
CA CYS A 535 -19.44 -23.31 4.63
C CYS A 535 -18.91 -24.71 4.43
N GLU A 536 -19.55 -25.45 3.53
CA GLU A 536 -19.15 -26.81 3.17
C GLU A 536 -18.74 -26.83 1.71
N GLU A 537 -18.21 -27.95 1.23
CA GLU A 537 -17.72 -28.07 -0.13
C GLU A 537 -18.75 -27.65 -1.18
N LYS A 538 -20.00 -28.02 -0.94
CA LYS A 538 -21.06 -27.75 -1.91
C LYS A 538 -21.30 -26.25 -2.09
N ASP A 539 -20.94 -25.47 -1.07
CA ASP A 539 -21.16 -24.03 -1.10
C ASP A 539 -20.20 -23.29 -2.06
N TYR A 540 -19.29 -24.04 -2.70
CA TYR A 540 -18.31 -23.44 -3.60
C TYR A 540 -18.49 -23.88 -5.05
N THR A 541 -18.12 -23.01 -5.99
CA THR A 541 -18.20 -23.31 -7.40
C THR A 541 -16.84 -23.17 -8.06
N ILE A 542 -16.68 -23.77 -9.23
CA ILE A 542 -15.45 -23.63 -10.00
C ILE A 542 -15.49 -22.31 -10.79
N TRP A 543 -14.44 -21.51 -10.67
CA TRP A 543 -14.37 -20.24 -11.38
C TRP A 543 -13.01 -20.03 -12.02
N LEU A 544 -13.00 -19.95 -13.35
CA LEU A 544 -11.79 -19.61 -14.07
C LEU A 544 -11.59 -18.10 -14.02
N ALA A 545 -10.43 -17.66 -13.54
CA ALA A 545 -10.12 -16.23 -13.49
C ALA A 545 -9.70 -15.75 -14.88
N HIS A 546 -9.88 -14.46 -15.12
CA HIS A 546 -9.44 -13.83 -16.36
C HIS A 546 -10.09 -14.44 -17.61
N SER A 547 -11.27 -15.03 -17.44
CA SER A 547 -11.97 -15.61 -18.58
C SER A 547 -12.55 -14.53 -19.49
N THR A 548 -12.18 -14.56 -20.75
CA THR A 548 -12.67 -13.58 -21.72
C THR A 548 -13.35 -14.27 -22.89
N ASP A 549 -12.99 -15.53 -23.12
CA ASP A 549 -13.48 -16.29 -24.28
C ASP A 549 -13.56 -17.78 -23.94
N PRO A 550 -14.66 -18.19 -23.28
CA PRO A 550 -14.84 -19.50 -22.65
C PRO A 550 -14.41 -20.72 -23.48
N GLU A 551 -14.65 -20.69 -24.79
CA GLU A 551 -14.35 -21.85 -25.63
C GLU A 551 -12.88 -21.94 -26.01
N ASP A 552 -12.16 -20.82 -25.89
CA ASP A 552 -10.77 -20.76 -26.29
C ASP A 552 -9.90 -21.66 -25.41
N TYR A 553 -8.99 -22.40 -26.06
CA TYR A 553 -8.08 -23.30 -25.36
C TYR A 553 -7.18 -22.53 -24.40
N GLU A 554 -6.93 -21.27 -24.71
CA GLU A 554 -6.02 -20.47 -23.90
C GLU A 554 -6.75 -19.40 -23.09
N ASP A 555 -8.06 -19.56 -22.93
CA ASP A 555 -8.85 -18.63 -22.14
C ASP A 555 -8.38 -18.60 -20.70
N GLY A 556 -8.12 -17.40 -20.18
CA GLY A 556 -7.68 -17.25 -18.80
C GLY A 556 -6.17 -17.28 -18.63
N CYS A 557 -5.44 -17.54 -19.71
CA CYS A 557 -3.98 -17.47 -19.66
C CYS A 557 -3.51 -16.03 -19.43
N ILE A 558 -2.96 -15.79 -18.25
CA ILE A 558 -2.37 -14.50 -17.91
C ILE A 558 -0.95 -14.73 -17.41
N LEU A 559 0.02 -14.12 -18.08
CA LEU A 559 1.44 -14.33 -17.80
C LEU A 559 1.80 -15.81 -17.79
N GLY A 560 1.32 -16.54 -18.79
CA GLY A 560 1.75 -17.91 -18.99
C GLY A 560 0.86 -18.99 -18.43
N TYR A 561 -0.06 -18.65 -17.52
CA TYR A 561 -0.89 -19.70 -16.94
C TYR A 561 -2.28 -19.27 -16.50
N LYS A 562 -3.13 -20.27 -16.28
CA LYS A 562 -4.50 -20.05 -15.78
C LYS A 562 -4.59 -20.36 -14.29
N GLU A 563 -5.63 -19.84 -13.66
CA GLU A 563 -5.96 -20.21 -12.29
C GLU A 563 -7.45 -20.40 -12.13
N GLN A 564 -7.85 -21.61 -11.75
CA GLN A 564 -9.25 -21.90 -11.47
C GLN A 564 -9.45 -21.93 -9.96
N PHE A 565 -10.37 -21.10 -9.50
CA PHE A 565 -10.64 -20.98 -8.07
C PHE A 565 -11.85 -21.81 -7.64
N LEU A 566 -11.99 -21.98 -6.33
CA LEU A 566 -13.24 -22.43 -5.75
C LEU A 566 -13.83 -21.25 -4.99
N ARG A 567 -14.83 -20.61 -5.57
CA ARG A 567 -15.45 -19.43 -4.97
C ARG A 567 -16.74 -19.78 -4.27
N LEU A 568 -17.01 -19.06 -3.19
CA LEU A 568 -18.28 -19.16 -2.48
C LEU A 568 -19.40 -18.71 -3.40
N ARG A 569 -20.50 -19.46 -3.41
CA ARG A 569 -21.66 -19.07 -4.22
C ARG A 569 -22.29 -17.82 -3.63
N LYS A 570 -22.83 -16.96 -4.49
CA LYS A 570 -23.54 -15.78 -4.02
C LYS A 570 -24.69 -16.22 -3.12
N SER A 571 -25.42 -17.23 -3.57
CA SER A 571 -26.61 -17.70 -2.87
C SER A 571 -26.29 -18.36 -1.54
N SER A 572 -25.11 -18.98 -1.45
CA SER A 572 -24.71 -19.66 -0.23
C SER A 572 -24.44 -18.67 0.90
N MET A 573 -25.31 -18.69 1.89
CA MET A 573 -25.18 -17.78 3.03
C MET A 573 -24.51 -18.49 4.19
N CYS A 574 -23.18 -18.44 4.23
CA CYS A 574 -22.44 -19.13 5.27
C CYS A 574 -21.09 -18.48 5.55
N GLN A 575 -20.46 -18.89 6.64
CA GLN A 575 -19.17 -18.35 7.06
C GLN A 575 -17.99 -19.14 6.50
N ASN A 576 -17.09 -18.44 5.81
CA ASN A 576 -15.86 -19.05 5.28
C ASN A 576 -14.92 -19.51 6.39
N GLY A 577 -14.86 -18.74 7.47
CA GLY A 577 -14.03 -19.10 8.60
C GLY A 577 -12.69 -18.40 8.61
N ARG A 578 -12.09 -18.25 9.79
CA ARG A 578 -10.81 -17.59 9.93
C ARG A 578 -9.69 -18.37 9.24
N ASP A 579 -9.78 -19.69 9.28
CA ASP A 579 -8.72 -20.55 8.75
C ASP A 579 -8.94 -20.89 7.28
N TYR A 580 -9.80 -20.12 6.62
CA TYR A 580 -10.20 -20.38 5.25
C TYR A 580 -9.05 -20.23 4.27
N VAL A 581 -8.87 -21.25 3.42
CA VAL A 581 -7.81 -21.26 2.42
C VAL A 581 -8.41 -21.11 1.03
N VAL A 582 -7.97 -20.08 0.31
CA VAL A 582 -8.39 -19.92 -1.07
C VAL A 582 -7.82 -21.06 -1.91
N THR A 583 -8.73 -21.87 -2.47
CA THR A 583 -8.33 -23.00 -3.29
C THR A 583 -8.24 -22.59 -4.76
N LYS A 584 -7.08 -22.81 -5.36
CA LYS A 584 -6.91 -22.51 -6.78
C LYS A 584 -5.96 -23.51 -7.46
N GLN A 585 -6.26 -23.82 -8.72
CA GLN A 585 -5.44 -24.74 -9.50
C GLN A 585 -4.85 -24.06 -10.73
N PRO A 586 -3.52 -24.09 -10.86
CA PRO A 586 -2.89 -23.50 -12.05
C PRO A 586 -2.84 -24.45 -13.24
N SER A 587 -3.18 -23.97 -14.42
CA SER A 587 -2.92 -24.70 -15.66
C SER A 587 -1.87 -23.93 -16.47
N ILE A 588 -0.74 -24.57 -16.76
CA ILE A 588 0.36 -23.90 -17.44
C ILE A 588 0.16 -23.88 -18.96
N CYS A 589 0.11 -22.69 -19.53
CA CYS A 589 -0.08 -22.52 -20.97
C CYS A 589 1.24 -22.56 -21.69
N LEU A 590 1.22 -22.94 -22.97
CA LEU A 590 2.44 -22.99 -23.75
C LEU A 590 2.83 -21.58 -24.19
N CYS A 591 4.13 -21.33 -24.25
CA CYS A 591 4.63 -19.99 -24.53
C CYS A 591 4.34 -19.55 -25.96
N SER A 592 3.90 -18.31 -26.10
CA SER A 592 3.87 -17.63 -27.38
C SER A 592 4.82 -16.44 -27.30
N LEU A 593 5.01 -15.73 -28.41
CA LEU A 593 5.90 -14.57 -28.41
C LEU A 593 5.43 -13.50 -27.43
N GLU A 594 4.13 -13.50 -27.14
CA GLU A 594 3.53 -12.49 -26.27
C GLU A 594 3.82 -12.75 -24.79
N ASP A 595 4.57 -13.81 -24.50
CA ASP A 595 5.06 -14.05 -23.15
C ASP A 595 6.48 -13.50 -23.00
N PHE A 596 6.99 -12.88 -24.05
CA PHE A 596 8.35 -12.36 -24.05
C PHE A 596 8.39 -10.86 -24.31
N LEU A 597 9.17 -10.15 -23.52
CA LEU A 597 9.40 -8.72 -23.73
C LEU A 597 10.70 -8.49 -24.49
N CYS A 598 10.76 -7.37 -25.20
CA CYS A 598 11.97 -6.99 -25.92
C CYS A 598 13.11 -6.68 -24.94
N ASP A 599 14.28 -7.24 -25.21
CA ASP A 599 15.46 -6.98 -24.40
C ASP A 599 16.03 -5.62 -24.79
N PHE A 600 17.19 -5.26 -24.25
CA PHE A 600 17.79 -3.97 -24.54
C PHE A 600 18.17 -3.85 -26.01
N GLY A 601 17.88 -2.72 -26.61
CA GLY A 601 18.20 -2.48 -28.00
C GLY A 601 17.29 -3.21 -28.96
N TYR A 602 16.07 -3.48 -28.51
CA TYR A 602 15.08 -4.13 -29.35
C TYR A 602 13.70 -3.51 -29.15
N TYR A 603 12.88 -3.58 -30.19
CA TYR A 603 11.53 -3.01 -30.18
C TYR A 603 10.64 -3.77 -31.15
N ARG A 604 9.32 -3.63 -31.00
CA ARG A 604 8.41 -4.28 -31.93
C ARG A 604 7.38 -3.30 -32.52
N PRO A 605 7.46 -3.09 -33.85
CA PRO A 605 6.52 -2.25 -34.59
C PRO A 605 5.40 -3.05 -35.26
N SER A 609 4.71 -8.16 -34.43
CA SER A 609 4.61 -8.81 -33.12
C SER A 609 5.97 -9.35 -32.66
N LYS A 610 6.97 -9.28 -33.54
CA LYS A 610 8.29 -9.77 -33.22
C LYS A 610 9.22 -8.63 -32.80
N CYS A 611 10.09 -8.91 -31.84
CA CYS A 611 11.10 -7.94 -31.41
C CYS A 611 12.21 -7.85 -32.44
N VAL A 612 12.35 -6.68 -33.05
CA VAL A 612 13.41 -6.44 -34.01
C VAL A 612 14.43 -5.43 -33.49
N GLU A 613 15.69 -5.63 -33.86
CA GLU A 613 16.79 -4.78 -33.40
C GLU A 613 16.56 -3.31 -33.73
N GLN A 614 16.84 -2.45 -32.76
CA GLN A 614 16.73 -1.02 -32.97
C GLN A 614 17.81 -0.52 -33.91
N PRO A 615 17.43 0.30 -34.90
CA PRO A 615 18.39 0.97 -35.77
C PRO A 615 19.01 2.19 -35.08
N GLU A 616 18.19 2.90 -34.31
CA GLU A 616 18.64 4.12 -33.62
C GLU A 616 18.61 3.96 -32.11
N LEU A 617 19.77 3.81 -31.50
CA LEU A 617 19.87 3.89 -30.05
C LEU A 617 20.01 5.36 -29.64
N LYS A 618 18.91 5.94 -29.15
CA LYS A 618 18.90 7.35 -28.78
C LYS A 618 18.34 7.53 -27.37
N GLY A 619 18.51 8.72 -26.81
CA GLY A 619 18.05 9.02 -25.47
C GLY A 619 18.74 8.16 -24.42
N HIS A 620 17.99 7.73 -23.42
CA HIS A 620 18.57 6.95 -22.34
C HIS A 620 18.98 5.58 -22.81
N ASP A 621 18.45 5.16 -23.97
CA ASP A 621 18.88 3.91 -24.56
C ASP A 621 20.35 4.01 -24.92
N LEU A 622 20.73 5.14 -25.49
CA LEU A 622 22.11 5.41 -25.86
C LEU A 622 22.99 5.60 -24.62
N GLU A 623 22.43 6.24 -23.60
CA GLU A 623 23.14 6.43 -22.34
C GLU A 623 23.48 5.08 -21.71
N PHE A 624 22.51 4.18 -21.72
CA PHE A 624 22.71 2.83 -21.19
C PHE A 624 23.80 2.13 -21.98
N CYS A 625 23.69 2.20 -23.31
CA CYS A 625 24.62 1.55 -24.23
C CYS A 625 26.06 2.00 -24.05
N LEU A 626 26.25 3.25 -23.64
CA LEU A 626 27.58 3.84 -23.51
C LEU A 626 28.17 3.69 -22.12
N TYR A 627 27.33 3.38 -21.13
CA TYR A 627 27.78 3.38 -19.74
C TYR A 627 27.32 2.16 -18.95
N GLY A 628 26.76 1.18 -19.64
CA GLY A 628 26.23 -0.01 -18.97
C GLY A 628 27.16 -1.20 -19.00
N ARG A 629 26.78 -2.25 -18.26
CA ARG A 629 27.54 -3.49 -18.24
C ARG A 629 27.35 -4.27 -19.53
N GLU A 630 28.46 -4.70 -20.13
CA GLU A 630 28.43 -5.48 -21.37
C GLU A 630 27.50 -6.68 -21.26
N GLU A 631 27.37 -7.20 -20.04
CA GLU A 631 26.46 -8.31 -19.74
C GLU A 631 25.03 -8.01 -20.15
N HIS A 632 24.59 -6.76 -19.94
CA HIS A 632 23.25 -6.34 -20.30
C HIS A 632 23.23 -5.81 -21.72
N LEU A 633 24.41 -5.60 -22.28
CA LEU A 633 24.56 -5.11 -23.65
C LEU A 633 24.53 -6.26 -24.64
N THR A 634 24.79 -7.47 -24.14
CA THR A 634 24.67 -8.68 -24.95
C THR A 634 23.27 -9.25 -24.77
N THR A 635 22.40 -9.02 -25.75
CA THR A 635 21.01 -9.40 -25.61
C THR A 635 20.62 -10.57 -26.50
N ASN A 636 19.48 -11.16 -26.18
CA ASN A 636 18.90 -12.22 -26.97
C ASN A 636 17.92 -11.65 -27.97
N GLY A 637 17.54 -10.39 -27.75
CA GLY A 637 16.47 -9.76 -28.47
C GLY A 637 15.19 -9.86 -27.66
N TYR A 638 15.02 -11.02 -27.03
CA TYR A 638 13.83 -11.30 -26.24
C TYR A 638 14.17 -11.65 -24.80
N ARG A 639 13.25 -11.33 -23.89
CA ARG A 639 13.37 -11.77 -22.52
C ARG A 639 11.98 -12.06 -21.95
N LYS A 640 11.85 -13.16 -21.22
CA LYS A 640 10.55 -13.58 -20.71
C LYS A 640 10.01 -12.61 -19.66
N ILE A 641 8.75 -12.20 -19.84
CA ILE A 641 8.04 -11.38 -18.89
C ILE A 641 8.26 -11.85 -17.46
N PRO A 642 8.57 -10.93 -16.54
CA PRO A 642 8.76 -11.34 -15.14
C PRO A 642 7.48 -11.93 -14.56
N GLY A 643 7.59 -13.05 -13.87
CA GLY A 643 6.44 -13.69 -13.28
C GLY A 643 5.69 -14.58 -14.26
N ASP A 644 6.15 -14.59 -15.50
CA ASP A 644 5.53 -15.42 -16.54
C ASP A 644 6.01 -16.86 -16.41
N LYS A 645 5.09 -17.81 -16.44
CA LYS A 645 5.42 -19.18 -16.12
C LYS A 645 5.01 -20.17 -17.21
N CYS A 646 4.88 -19.67 -18.43
CA CYS A 646 4.58 -20.50 -19.57
C CYS A 646 5.65 -21.56 -19.77
N GLN A 647 5.26 -22.76 -20.20
CA GLN A 647 6.22 -23.82 -20.48
C GLN A 647 6.08 -24.31 -21.91
N GLY A 648 7.20 -24.68 -22.51
CA GLY A 648 7.20 -25.18 -23.87
C GLY A 648 6.85 -24.11 -24.87
N GLY A 649 6.23 -24.51 -25.98
CA GLY A 649 5.88 -23.58 -27.04
C GLY A 649 7.11 -22.94 -27.67
N VAL A 650 7.10 -21.62 -27.79
CA VAL A 650 8.18 -20.91 -28.45
C VAL A 650 9.30 -20.51 -27.49
N ASN A 651 10.48 -20.28 -28.06
CA ASN A 651 11.65 -19.85 -27.30
C ASN A 651 12.61 -19.08 -28.21
N PRO A 652 12.47 -17.75 -28.24
CA PRO A 652 13.24 -16.90 -29.15
C PRO A 652 14.50 -16.32 -28.52
N VAL A 653 14.87 -16.77 -27.32
CA VAL A 653 16.02 -16.22 -26.61
C VAL A 653 17.30 -17.01 -26.88
N ARG A 654 18.43 -16.29 -26.91
CA ARG A 654 19.76 -16.89 -26.96
C ARG A 654 20.79 -15.89 -26.41
N GLU A 655 21.90 -15.69 -27.12
CA GLU A 655 22.93 -14.74 -26.67
C GLU A 655 23.48 -13.94 -27.85
N VAL A 656 22.89 -14.17 -29.02
CA VAL A 656 23.34 -13.67 -30.32
C VAL A 656 24.27 -12.45 -30.35
N LYS A 657 23.83 -11.32 -29.81
CA LYS A 657 24.53 -10.07 -30.04
C LYS A 657 25.38 -9.57 -28.87
N ASP A 658 26.14 -8.52 -29.16
CA ASP A 658 26.90 -7.76 -28.18
C ASP A 658 26.87 -6.31 -28.63
N LEU A 659 25.92 -5.55 -28.09
CA LEU A 659 25.56 -4.25 -28.63
C LEU A 659 26.52 -3.12 -28.27
N LYS A 660 27.61 -3.45 -27.58
CA LYS A 660 28.60 -2.44 -27.20
C LYS A 660 29.20 -1.77 -28.44
N LYS A 661 29.69 -2.59 -29.37
CA LYS A 661 30.36 -2.10 -30.57
C LYS A 661 29.41 -1.31 -31.46
N LYS A 662 28.12 -1.64 -31.39
CA LYS A 662 27.09 -0.99 -32.19
C LYS A 662 27.09 0.53 -31.99
N CYS A 663 26.87 0.95 -30.74
CA CYS A 663 26.76 2.37 -30.42
C CYS A 663 28.10 3.10 -30.50
N THR A 664 29.18 2.42 -30.13
CA THR A 664 30.51 3.02 -30.16
C THR A 664 31.08 3.12 -31.57
N SER A 665 30.40 2.49 -32.52
CA SER A 665 30.88 2.48 -33.90
C SER A 665 30.74 3.84 -34.55
N ASN A 666 29.90 4.67 -33.93
CA ASN A 666 29.66 6.03 -34.42
C ASN A 666 30.72 7.00 -33.92
N PHE A 667 31.18 6.79 -32.69
CA PHE A 667 32.22 7.60 -32.07
C PHE A 667 33.60 7.25 -32.64
N LEU A 668 34.49 8.23 -32.72
CA LEU A 668 35.88 7.94 -33.00
C LEU A 668 36.56 7.52 -31.71
N SER A 669 37.25 6.39 -31.76
CA SER A 669 37.84 5.82 -30.55
C SER A 669 39.35 6.02 -30.55
N PRO A 670 39.91 6.39 -29.38
CA PRO A 670 41.35 6.61 -29.20
C PRO A 670 42.19 5.36 -29.50
N PCA B 1 -12.51 13.05 14.23
CA PCA B 1 -11.36 12.58 13.45
CB PCA B 1 -10.44 13.74 13.10
CG PCA B 1 -10.85 14.90 13.99
CD PCA B 1 -12.16 14.44 14.55
OE PCA B 1 -12.88 15.19 15.21
C PCA B 1 -10.56 11.53 14.21
O PCA B 1 -10.16 11.75 15.34
N LEU B 2 -10.31 10.39 13.57
CA LEU B 2 -9.47 9.36 14.15
C LEU B 2 -8.38 8.91 13.18
N TYR B 3 -7.36 8.25 13.72
CA TYR B 3 -6.28 7.71 12.91
C TYR B 3 -6.15 6.19 13.10
N GLU B 4 -6.83 5.42 12.26
CA GLU B 4 -6.70 3.97 12.32
C GLU B 4 -5.35 3.56 11.71
N ASN B 5 -4.35 3.41 12.58
CA ASN B 5 -2.97 3.15 12.19
C ASN B 5 -2.48 4.10 11.10
N PRO B 10 4.40 4.83 -1.75
CA PRO B 10 5.46 4.69 -2.75
C PRO B 10 6.77 5.40 -2.35
N TYR B 11 7.89 4.69 -2.47
CA TYR B 11 9.21 5.27 -2.25
C TYR B 11 9.51 6.32 -3.31
N ILE B 12 10.04 7.45 -2.86
CA ILE B 12 10.44 8.51 -3.75
C ILE B 12 11.95 8.57 -3.87
N LEU B 13 12.45 8.57 -5.10
CA LEU B 13 13.88 8.64 -5.37
C LEU B 13 14.25 9.84 -6.24
N ARG C 8 3.76 12.85 33.83
CA ARG C 8 3.65 13.68 32.63
C ARG C 8 4.88 14.56 32.40
N ARG C 9 5.45 14.44 31.21
CA ARG C 9 6.70 15.10 30.84
C ARG C 9 7.76 15.04 31.93
N PRO C 10 8.40 13.86 32.07
CA PRO C 10 9.46 13.62 33.04
C PRO C 10 10.74 14.36 32.71
N TYR C 11 11.71 14.30 33.62
CA TYR C 11 13.02 14.92 33.41
C TYR C 11 14.11 13.92 33.77
N ILE C 12 15.02 13.67 32.84
CA ILE C 12 16.11 12.72 33.07
C ILE C 12 17.47 13.39 32.91
N LEU C 13 18.46 12.91 33.66
CA LEU C 13 19.80 13.46 33.57
C LEU C 13 20.85 12.38 33.87
C1 NAG D . -0.13 -6.82 -5.97
C2 NAG D . 1.37 -7.08 -5.83
C3 NAG D . 1.66 -8.57 -5.79
C4 NAG D . 0.81 -9.27 -4.73
C5 NAG D . -0.66 -8.94 -4.95
C6 NAG D . -1.56 -9.48 -3.87
C7 NAG D . 3.32 -5.91 -6.79
C8 NAG D . 3.92 -5.32 -8.04
N2 NAG D . 2.10 -6.44 -6.92
O3 NAG D . 3.05 -8.77 -5.51
O4 NAG D . 0.98 -10.69 -4.84
O5 NAG D . -0.82 -7.51 -4.94
O6 NAG D . -1.34 -8.84 -2.63
O7 NAG D . 3.92 -5.92 -5.72
C1 NAG D . 1.43 -11.30 -3.63
C2 NAG D . 1.06 -12.77 -3.65
C3 NAG D . 1.50 -13.45 -2.37
C4 NAG D . 2.99 -13.19 -2.10
C5 NAG D . 3.30 -11.70 -2.20
C6 NAG D . 4.78 -11.40 -2.14
C7 NAG D . -0.88 -13.64 -4.87
C8 NAG D . 0.10 -14.27 -5.83
N2 NAG D . -0.37 -12.94 -3.86
O3 NAG D . 1.29 -14.86 -2.49
O4 NAG D . 3.32 -13.65 -0.80
O5 NAG D . 2.84 -11.17 -3.45
O6 NAG D . 5.43 -11.81 -3.34
O7 NAG D . -2.09 -13.77 -5.03
C1 BMA D . 4.38 -14.62 -0.83
C2 BMA D . 5.39 -14.27 0.30
C3 BMA D . 6.45 -15.38 0.43
C4 BMA D . 5.81 -16.76 0.47
C5 BMA D . 4.92 -16.97 -0.76
C6 BMA D . 4.25 -18.33 -0.76
O2 BMA D . 4.73 -14.16 1.55
O3 BMA D . 7.28 -15.18 1.58
O4 BMA D . 6.83 -17.75 0.49
O5 BMA D . 3.90 -15.95 -0.76
O6 BMA D . 3.94 -18.68 -2.10
C1 NAG E . -15.24 -11.68 16.80
C2 NAG E . -14.33 -12.82 16.33
C3 NAG E . -14.23 -13.93 17.39
C4 NAG E . -13.89 -13.35 18.76
C5 NAG E . -14.89 -12.26 19.11
C6 NAG E . -14.59 -11.59 20.43
C7 NAG E . -13.99 -13.67 14.05
C8 NAG E . -14.64 -14.30 12.85
N2 NAG E . -14.80 -13.41 15.08
O3 NAG E . -13.20 -14.82 16.99
O4 NAG E . -14.00 -14.35 19.77
O5 NAG E . -14.85 -11.25 18.10
O6 NAG E . -15.67 -10.79 20.87
O7 NAG E . -12.80 -13.41 14.07
C1 NAG E . -12.77 -15.05 20.00
C2 NAG E . -12.65 -15.43 21.47
C3 NAG E . -11.38 -16.25 21.71
C4 NAG E . -11.32 -17.45 20.75
C5 NAG E . -11.52 -16.98 19.31
C6 NAG E . -11.64 -18.12 18.33
C7 NAG E . -13.69 -13.88 23.06
C8 NAG E . -13.51 -12.62 23.87
N2 NAG E . -12.64 -14.25 22.31
O3 NAG E . -11.36 -16.72 23.05
O4 NAG E . -10.06 -18.08 20.87
O5 NAG E . -12.74 -16.22 19.20
O6 NAG E . -12.54 -19.11 18.81
O7 NAG E . -14.74 -14.51 23.09
C1 BMA E . -10.19 -19.46 21.25
C2 BMA E . -9.18 -20.30 20.42
C3 BMA E . -9.14 -21.75 20.90
C4 BMA E . -9.02 -21.83 22.43
C5 BMA E . -10.17 -21.03 23.07
C6 BMA E . -10.13 -21.07 24.60
O2 BMA E . -7.87 -19.77 20.56
O3 BMA E . -8.08 -22.50 20.29
O4 BMA E . -9.06 -23.19 22.87
O5 BMA E . -10.05 -19.66 22.65
O6 BMA E . -11.46 -21.22 25.09
C1 NAG F . 5.60 4.18 36.99
C2 NAG F . 6.78 3.41 36.40
C3 NAG F . 7.29 2.37 37.40
C4 NAG F . 7.58 3.02 38.75
C5 NAG F . 6.36 3.80 39.23
C6 NAG F . 6.61 4.56 40.51
C7 NAG F . 5.53 1.84 34.96
C8 NAG F . 5.36 1.33 33.56
N2 NAG F . 6.46 2.79 35.12
O3 NAG F . 8.46 1.75 36.88
O4 NAG F . 7.93 2.03 39.71
O5 NAG F . 5.98 4.76 38.25
O6 NAG F . 7.35 5.76 40.28
O7 NAG F . 4.85 1.42 35.88
O1 PG4 G . -20.82 8.37 -9.59
C1 PG4 G . -21.78 7.40 -9.97
C2 PG4 G . -22.75 7.98 -10.98
O2 PG4 G . -23.54 6.93 -11.53
C3 PG4 G . -23.88 7.14 -12.93
C4 PG4 G . -23.97 5.84 -13.64
O3 PG4 G . -25.14 5.11 -13.20
C5 PG4 G . -26.34 5.75 -13.57
C6 PG4 G . -27.48 4.75 -13.59
O4 PG4 G . -28.18 4.85 -14.87
C7 PG4 G . -29.39 4.05 -14.91
C8 PG4 G . -30.45 4.75 -15.77
O5 PG4 G . -31.56 3.88 -15.93
#